data_7PN1
#
_entry.id   7PN1
#
_cell.length_a   1.00
_cell.length_b   1.00
_cell.length_c   1.00
_cell.angle_alpha   90.00
_cell.angle_beta   90.00
_cell.angle_gamma   90.00
#
_symmetry.space_group_name_H-M   'P 1'
#
_entity_poly.entity_id   1
_entity_poly.type   'polypeptide(L)'
_entity_poly.pdbx_seq_one_letter_code
;MGMSKSHSFFGYPLSIFFIVVNEFCERFSYYGMRAILILYFTNFISWDDNLSTAIYHTFVALCYLTPILGALIADSWLGK
FKTIVSLSIVYTIGQAVTSVSSINDLTDHNHDGTPDSLPVHVVLSLIGLALIALGTGGIKPCVSAFGGDQFEEGQEKQRN
RFFSIFYLAINAGSLLSTIITPMLRVQQCGIHSKQACYPLAFGVPAALMAVALIVFVLGSGMYKKFKPQGNIMGKVAKCI
GFAIKNRFRHRSKAFPKREHWLDWAKEKYDERLISQIKMVTRVMFLYIPLPMFWALFDQQGSRWTLQATTMSGKIGALEI
QPDQMQTVNAILIVIMVPIFDAVLYPLIAKCGFNFTSLKKMAVGMVLASMAFVVAAIVQVEIDKTLPVFPKGNEVQIKVL
NIGNNTMNISLPGEMVTLGPMSQTNAFMTFDVNKLTRINISSPGSPVTAVTDDFKQGQRHTLLVWAPNHYQVVKDGLNQK
PEKGENGIRFVNTFNELITITMSGKVYANISSYNASTYQFFPSGIKGFTISSTEIPPQCQPNFNTFYLEFGSAYTYIVQR
KNDSCPEVKVFEDISANTVNMALQIPQYFLLTCGEVVFSVTGLEFSYSQAPSNMKSVLQAGWLLTVAVGNIIVLIVAGAG
QFSKQWAEYILFAALLLVVCVIFAIMARFYTYINPAEIEAQFDEDEKKNRLEKSNPYFMSGANSQKQM
;
_entity_poly.pdbx_strand_id   A
#
# COMPACT_ATOMS: atom_id res chain seq x y z
N TYR A 12 -19.80 -30.01 -14.59
CA TYR A 12 -18.89 -29.34 -13.67
C TYR A 12 -19.21 -27.85 -13.45
N PRO A 13 -19.67 -27.13 -14.49
CA PRO A 13 -19.86 -25.68 -14.31
C PRO A 13 -20.85 -25.35 -13.21
N LEU A 14 -21.86 -26.19 -13.00
CA LEU A 14 -22.80 -25.98 -11.92
C LEU A 14 -22.13 -26.06 -10.55
N SER A 15 -21.07 -26.87 -10.44
CA SER A 15 -20.34 -26.97 -9.18
C SER A 15 -19.31 -25.86 -9.01
N ILE A 16 -19.05 -25.08 -10.04
CA ILE A 16 -18.01 -24.06 -9.99
C ILE A 16 -18.60 -22.65 -9.89
N PHE A 17 -19.78 -22.43 -10.47
CA PHE A 17 -20.37 -21.10 -10.41
C PHE A 17 -20.69 -20.69 -8.98
N PHE A 18 -21.22 -21.61 -8.17
CA PHE A 18 -21.51 -21.28 -6.78
C PHE A 18 -20.23 -20.91 -6.04
N ILE A 19 -19.15 -21.65 -6.27
CA ILE A 19 -17.89 -21.34 -5.62
C ILE A 19 -17.41 -19.96 -6.03
N VAL A 20 -17.51 -19.65 -7.33
CA VAL A 20 -17.05 -18.35 -7.82
C VAL A 20 -17.82 -17.22 -7.14
N VAL A 21 -19.15 -17.34 -7.12
CA VAL A 21 -19.95 -16.27 -6.52
C VAL A 21 -19.67 -16.15 -5.03
N ASN A 22 -19.52 -17.28 -4.34
CA ASN A 22 -19.24 -17.23 -2.90
C ASN A 22 -17.91 -16.53 -2.63
N GLU A 23 -16.87 -16.88 -3.39
CA GLU A 23 -15.58 -16.23 -3.22
C GLU A 23 -15.69 -14.74 -3.50
N PHE A 24 -16.36 -14.38 -4.59
CA PHE A 24 -16.52 -12.97 -4.95
C PHE A 24 -17.17 -12.18 -3.81
N CYS A 25 -18.29 -12.68 -3.32
CA CYS A 25 -19.01 -11.96 -2.27
C CYS A 25 -18.20 -11.89 -0.98
N GLU A 26 -17.56 -13.00 -0.60
CA GLU A 26 -16.79 -13.01 0.65
C GLU A 26 -15.63 -12.03 0.58
N ARG A 27 -14.90 -12.02 -0.53
CA ARG A 27 -13.79 -11.08 -0.67
C ARG A 27 -14.28 -9.63 -0.66
N PHE A 28 -15.37 -9.33 -1.36
CA PHE A 28 -15.90 -7.97 -1.32
C PHE A 28 -16.25 -7.59 0.11
N SER A 29 -16.90 -8.49 0.84
CA SER A 29 -17.29 -8.19 2.21
C SER A 29 -16.06 -7.88 3.07
N TYR A 30 -15.04 -8.74 2.99
CA TYR A 30 -13.86 -8.55 3.82
C TYR A 30 -13.18 -7.22 3.51
N TYR A 31 -13.00 -6.92 2.22
CA TYR A 31 -12.30 -5.70 1.85
C TYR A 31 -13.09 -4.45 2.24
N GLY A 32 -14.41 -4.47 2.05
CA GLY A 32 -15.21 -3.33 2.49
C GLY A 32 -15.44 -3.27 3.98
N MET A 33 -15.06 -4.32 4.70
CA MET A 33 -15.22 -4.38 6.15
C MET A 33 -13.98 -3.92 6.90
N ARG A 34 -12.78 -4.19 6.35
CA ARG A 34 -11.55 -3.93 7.08
C ARG A 34 -11.40 -2.46 7.48
N ALA A 35 -11.71 -1.54 6.56
CA ALA A 35 -11.49 -0.12 6.84
C ALA A 35 -12.34 0.35 8.01
N ILE A 36 -13.63 0.00 8.00
CA ILE A 36 -14.50 0.35 9.11
C ILE A 36 -14.04 -0.35 10.38
N LEU A 37 -13.52 -1.58 10.25
CA LEU A 37 -12.99 -2.27 11.42
C LEU A 37 -11.90 -1.43 12.09
N ILE A 38 -10.93 -0.97 11.31
CA ILE A 38 -9.84 -0.20 11.91
C ILE A 38 -10.35 1.13 12.45
N LEU A 39 -11.29 1.76 11.73
CA LEU A 39 -11.84 3.02 12.22
C LEU A 39 -12.52 2.85 13.57
N TYR A 40 -13.29 1.78 13.75
CA TYR A 40 -13.94 1.51 15.02
C TYR A 40 -12.96 1.14 16.12
N PHE A 41 -11.97 0.29 15.80
CA PHE A 41 -11.01 -0.13 16.81
C PHE A 41 -10.07 1.00 17.22
N THR A 42 -10.01 2.07 16.42
CA THR A 42 -9.23 3.23 16.84
C THR A 42 -9.71 3.79 18.16
N ASN A 43 -10.95 3.50 18.55
CA ASN A 43 -11.44 3.91 19.87
C ASN A 43 -10.55 3.34 20.97
N PHE A 44 -10.27 2.03 20.90
CA PHE A 44 -9.40 1.42 21.89
C PHE A 44 -7.94 1.76 21.62
N ILE A 45 -7.56 1.90 20.35
CA ILE A 45 -6.17 2.25 20.04
C ILE A 45 -5.79 3.55 20.74
N SER A 46 -6.69 4.54 20.72
CA SER A 46 -6.41 5.80 21.40
C SER A 46 -6.74 5.72 22.88
N TRP A 47 -7.84 5.03 23.23
CA TRP A 47 -8.24 4.94 24.64
C TRP A 47 -7.25 4.12 25.45
N ASP A 48 -6.65 3.10 24.85
CA ASP A 48 -5.71 2.17 25.50
C ASP A 48 -5.80 2.17 27.03
N ASN A 50 1.63 3.49 25.27
CA ASN A 50 1.86 2.73 24.06
C ASN A 50 1.44 1.27 24.24
N LEU A 51 0.53 1.02 25.18
CA LEU A 51 0.08 -0.34 25.43
C LEU A 51 -0.68 -0.91 24.24
N SER A 52 -1.39 -0.06 23.50
CA SER A 52 -2.17 -0.54 22.36
C SER A 52 -1.30 -1.13 21.27
N THR A 53 -0.06 -0.67 21.11
CA THR A 53 0.80 -1.20 20.06
C THR A 53 1.12 -2.67 20.29
N ALA A 54 1.38 -3.05 21.54
CA ALA A 54 1.68 -4.45 21.83
C ALA A 54 0.52 -5.36 21.47
N ILE A 55 -0.72 -4.95 21.79
CA ILE A 55 -1.88 -5.76 21.48
C ILE A 55 -2.01 -5.96 19.98
N TYR A 56 -1.83 -4.87 19.21
CA TYR A 56 -2.00 -4.93 17.77
C TYR A 56 -0.98 -5.88 17.13
N HIS A 57 0.28 -5.80 17.58
CA HIS A 57 1.33 -6.61 16.98
C HIS A 57 1.15 -8.10 17.25
N THR A 58 0.65 -8.47 18.43
CA THR A 58 0.32 -9.86 18.70
C THR A 58 -0.99 -10.28 18.04
N PHE A 59 -1.89 -9.34 17.80
CA PHE A 59 -3.16 -9.67 17.14
C PHE A 59 -2.95 -9.99 15.67
N VAL A 60 -2.11 -9.21 14.99
CA VAL A 60 -1.84 -9.50 13.58
C VAL A 60 -1.24 -10.90 13.42
N ALA A 61 -0.53 -11.37 14.45
CA ALA A 61 -0.03 -12.74 14.42
C ALA A 61 -1.15 -13.75 14.33
N LEU A 62 -2.29 -13.51 14.99
CA LEU A 62 -3.42 -14.41 14.85
C LEU A 62 -3.92 -14.44 13.42
N CYS A 63 -4.02 -13.27 12.78
CA CYS A 63 -4.46 -13.23 11.39
C CYS A 63 -3.50 -13.94 10.47
N TYR A 64 -2.19 -13.87 10.74
CA TYR A 64 -1.20 -14.55 9.93
C TYR A 64 -1.05 -16.03 10.27
N LEU A 65 -1.59 -16.48 11.41
CA LEU A 65 -1.51 -17.88 11.80
C LEU A 65 -2.79 -18.67 11.56
N THR A 66 -3.92 -18.00 11.39
CA THR A 66 -5.18 -18.72 11.18
C THR A 66 -5.18 -19.63 9.96
N PRO A 67 -4.46 -19.30 8.87
CA PRO A 67 -4.51 -20.19 7.69
C PRO A 67 -4.14 -21.64 8.01
N ILE A 68 -3.04 -21.86 8.74
CA ILE A 68 -2.62 -23.22 9.04
C ILE A 68 -3.61 -23.87 10.01
N LEU A 69 -4.08 -23.10 10.99
CA LEU A 69 -5.05 -23.63 11.94
C LEU A 69 -6.39 -23.96 11.30
N GLY A 70 -6.65 -23.44 10.10
CA GLY A 70 -7.85 -23.80 9.37
C GLY A 70 -7.61 -25.00 8.47
N ALA A 71 -6.46 -25.00 7.79
CA ALA A 71 -6.13 -26.11 6.91
C ALA A 71 -6.01 -27.42 7.69
N LEU A 72 -5.36 -27.38 8.84
CA LEU A 72 -5.20 -28.60 9.64
C LEU A 72 -6.55 -29.13 10.08
N ILE A 73 -7.46 -28.25 10.49
CA ILE A 73 -8.81 -28.69 10.85
C ILE A 73 -9.50 -29.30 9.64
N ALA A 74 -9.38 -28.66 8.48
CA ALA A 74 -10.10 -29.10 7.30
C ALA A 74 -9.65 -30.49 6.86
N ASP A 75 -8.33 -30.68 6.68
CA ASP A 75 -7.86 -31.91 6.06
C ASP A 75 -8.06 -33.11 6.97
N SER A 76 -7.79 -32.96 8.27
CA SER A 76 -7.70 -34.11 9.16
C SER A 76 -9.02 -34.40 9.87
N TRP A 77 -9.64 -33.36 10.46
CA TRP A 77 -10.74 -33.62 11.38
C TRP A 77 -12.09 -33.71 10.67
N LEU A 78 -12.49 -32.64 9.97
CA LEU A 78 -13.86 -32.52 9.49
C LEU A 78 -13.99 -32.59 7.97
N GLY A 79 -12.92 -32.39 7.21
CA GLY A 79 -13.03 -32.32 5.78
C GLY A 79 -13.20 -30.88 5.32
N LYS A 80 -13.14 -30.66 4.00
CA LYS A 80 -13.15 -29.29 3.49
C LYS A 80 -14.54 -28.67 3.58
N PHE A 81 -15.58 -29.44 3.23
CA PHE A 81 -16.93 -28.86 3.17
C PHE A 81 -17.39 -28.41 4.55
N LYS A 82 -17.29 -29.29 5.55
CA LYS A 82 -17.71 -28.94 6.90
C LYS A 82 -16.91 -27.76 7.44
N THR A 83 -15.61 -27.75 7.18
CA THR A 83 -14.78 -26.65 7.66
C THR A 83 -15.20 -25.34 7.02
N ILE A 84 -15.44 -25.33 5.71
CA ILE A 84 -15.91 -24.12 5.05
C ILE A 84 -17.20 -23.64 5.70
N VAL A 85 -18.16 -24.55 5.89
CA VAL A 85 -19.45 -24.15 6.43
C VAL A 85 -19.28 -23.55 7.81
N SER A 86 -18.55 -24.24 8.69
CA SER A 86 -18.41 -23.78 10.07
C SER A 86 -17.65 -22.46 10.14
N LEU A 87 -16.56 -22.33 9.36
CA LEU A 87 -15.79 -21.10 9.40
C LEU A 87 -16.59 -19.92 8.87
N SER A 88 -17.36 -20.13 7.79
CA SER A 88 -18.21 -19.05 7.30
C SER A 88 -19.27 -18.67 8.32
N ILE A 89 -19.85 -19.67 9.00
CA ILE A 89 -20.86 -19.38 10.00
C ILE A 89 -20.28 -18.52 11.12
N VAL A 90 -19.13 -18.92 11.65
CA VAL A 90 -18.53 -18.16 12.74
C VAL A 90 -18.10 -16.77 12.26
N TYR A 91 -17.64 -16.66 11.02
CA TYR A 91 -17.23 -15.35 10.50
C TYR A 91 -18.43 -14.42 10.44
N THR A 92 -19.56 -14.92 9.91
CA THR A 92 -20.77 -14.11 9.84
C THR A 92 -21.26 -13.74 11.23
N ILE A 93 -21.18 -14.68 12.18
CA ILE A 93 -21.58 -14.38 13.55
C ILE A 93 -20.69 -13.30 14.13
N GLY A 94 -19.40 -13.34 13.83
CA GLY A 94 -18.51 -12.29 14.29
C GLY A 94 -18.90 -10.93 13.75
N GLN A 95 -19.18 -10.85 12.45
CA GLN A 95 -19.65 -9.59 11.89
C GLN A 95 -20.93 -9.12 12.57
N ALA A 96 -21.86 -10.04 12.80
CA ALA A 96 -23.14 -9.67 13.40
C ALA A 96 -22.95 -9.13 14.81
N VAL A 97 -22.13 -9.80 15.61
CA VAL A 97 -21.90 -9.36 16.99
C VAL A 97 -21.19 -8.02 17.00
N THR A 98 -20.22 -7.83 16.10
CA THR A 98 -19.55 -6.54 16.02
C THR A 98 -20.55 -5.44 15.67
N SER A 99 -21.42 -5.70 14.70
CA SER A 99 -22.42 -4.72 14.28
C SER A 99 -23.31 -4.33 15.45
N VAL A 100 -23.86 -5.34 16.14
CA VAL A 100 -24.82 -5.05 17.20
C VAL A 100 -24.14 -4.36 18.37
N SER A 101 -22.94 -4.82 18.74
CA SER A 101 -22.25 -4.23 19.89
C SER A 101 -21.84 -2.79 19.60
N SER A 102 -21.42 -2.50 18.36
CA SER A 102 -20.97 -1.15 18.04
C SER A 102 -22.04 -0.12 18.31
N ILE A 103 -23.32 -0.51 18.23
CA ILE A 103 -24.41 0.43 18.46
C ILE A 103 -24.40 0.93 19.90
N ASN A 104 -24.23 0.02 20.86
CA ASN A 104 -24.24 0.42 22.26
C ASN A 104 -23.06 1.33 22.59
N ASP A 105 -21.89 1.01 22.04
CA ASP A 105 -20.69 1.79 22.34
C ASP A 105 -20.82 3.25 21.92
N LEU A 106 -21.57 3.53 20.85
CA LEU A 106 -21.75 4.89 20.37
C LEU A 106 -23.00 5.56 20.90
N THR A 107 -24.00 4.79 21.32
CA THR A 107 -25.23 5.34 21.87
C THR A 107 -25.13 5.55 23.38
N ASP A 108 -24.63 4.57 24.11
CA ASP A 108 -24.50 4.66 25.56
C ASP A 108 -23.17 5.29 25.95
N SER A 117 -22.91 -0.49 31.35
CA SER A 117 -22.58 -1.75 30.71
C SER A 117 -21.67 -1.56 29.50
N LEU A 118 -21.09 -0.36 29.39
CA LEU A 118 -20.17 -0.07 28.28
C LEU A 118 -19.01 -1.05 28.20
N PRO A 119 -18.30 -1.35 29.29
CA PRO A 119 -17.20 -2.33 29.17
C PRO A 119 -17.67 -3.69 28.69
N VAL A 120 -18.88 -4.12 29.09
CA VAL A 120 -19.38 -5.41 28.63
C VAL A 120 -19.56 -5.41 27.11
N HIS A 121 -20.18 -4.35 26.59
CA HIS A 121 -20.37 -4.27 25.14
C HIS A 121 -19.05 -4.16 24.41
N VAL A 122 -18.08 -3.44 24.99
CA VAL A 122 -16.76 -3.36 24.38
C VAL A 122 -16.12 -4.74 24.33
N VAL A 123 -16.26 -5.52 25.40
CA VAL A 123 -15.70 -6.87 25.43
C VAL A 123 -16.36 -7.74 24.38
N LEU A 124 -17.68 -7.63 24.24
CA LEU A 124 -18.38 -8.38 23.19
C LEU A 124 -17.86 -8.00 21.81
N SER A 125 -17.63 -6.71 21.57
CA SER A 125 -17.09 -6.27 20.29
C SER A 125 -15.71 -6.86 20.05
N LEU A 126 -14.86 -6.86 21.07
CA LEU A 126 -13.52 -7.43 20.90
C LEU A 126 -13.59 -8.93 20.65
N ILE A 127 -14.53 -9.62 21.30
CA ILE A 127 -14.72 -11.04 21.03
C ILE A 127 -15.15 -11.24 19.58
N GLY A 128 -16.00 -10.35 19.08
CA GLY A 128 -16.36 -10.41 17.67
C GLY A 128 -15.15 -10.23 16.76
N LEU A 129 -14.29 -9.27 17.09
CA LEU A 129 -13.06 -9.08 16.32
C LEU A 129 -12.22 -10.35 16.32
N ALA A 130 -12.06 -10.97 17.50
CA ALA A 130 -11.28 -12.20 17.58
C ALA A 130 -11.91 -13.30 16.75
N LEU A 131 -13.23 -13.40 16.77
CA LEU A 131 -13.90 -14.41 15.96
C LEU A 131 -13.66 -14.18 14.47
N ILE A 132 -13.73 -12.92 14.03
CA ILE A 132 -13.44 -12.60 12.63
C ILE A 132 -12.00 -12.96 12.29
N ALA A 133 -11.10 -12.84 13.26
CA ALA A 133 -9.71 -13.20 13.01
C ALA A 133 -9.60 -14.63 12.52
N LEU A 134 -10.34 -15.56 13.12
CA LEU A 134 -10.34 -16.94 12.66
C LEU A 134 -10.89 -17.06 11.24
N GLY A 135 -12.05 -16.44 11.00
CA GLY A 135 -12.75 -16.64 9.74
C GLY A 135 -11.99 -16.10 8.54
N THR A 136 -11.35 -14.94 8.70
CA THR A 136 -10.63 -14.35 7.57
C THR A 136 -9.60 -15.32 7.01
N GLY A 137 -8.99 -16.14 7.85
CA GLY A 137 -7.96 -17.05 7.42
C GLY A 137 -8.45 -18.46 7.11
N GLY A 138 -9.48 -18.91 7.83
CA GLY A 138 -9.90 -20.30 7.71
C GLY A 138 -10.41 -20.68 6.33
N ILE A 139 -10.75 -19.70 5.50
CA ILE A 139 -11.43 -20.01 4.24
C ILE A 139 -10.44 -20.07 3.09
N LYS A 140 -9.29 -19.40 3.21
CA LYS A 140 -8.41 -19.24 2.05
C LYS A 140 -7.93 -20.56 1.47
N PRO A 141 -7.31 -21.46 2.24
CA PRO A 141 -6.78 -22.70 1.63
C PRO A 141 -7.87 -23.70 1.29
N CYS A 142 -8.83 -23.83 2.20
CA CYS A 142 -9.85 -24.87 2.06
C CYS A 142 -10.67 -24.66 0.81
N VAL A 143 -11.08 -23.41 0.54
CA VAL A 143 -11.91 -23.15 -0.64
C VAL A 143 -11.12 -23.43 -1.92
N SER A 144 -9.85 -23.03 -1.97
CA SER A 144 -9.05 -23.29 -3.15
C SER A 144 -8.90 -24.80 -3.39
N ALA A 145 -8.61 -25.56 -2.33
CA ALA A 145 -8.47 -27.00 -2.49
C ALA A 145 -9.79 -27.63 -2.94
N PHE A 146 -10.90 -27.20 -2.34
CA PHE A 146 -12.20 -27.74 -2.72
C PHE A 146 -12.51 -27.46 -4.18
N GLY A 147 -12.22 -26.24 -4.63
CA GLY A 147 -12.44 -25.92 -6.03
C GLY A 147 -11.56 -26.76 -6.95
N GLY A 148 -10.30 -26.93 -6.60
CA GLY A 148 -9.41 -27.74 -7.42
C GLY A 148 -9.85 -29.19 -7.50
N ASP A 149 -10.41 -29.71 -6.41
CA ASP A 149 -10.78 -31.12 -6.35
C ASP A 149 -11.81 -31.51 -7.42
N GLN A 150 -12.65 -30.57 -7.86
CA GLN A 150 -13.81 -30.92 -8.66
C GLN A 150 -13.46 -31.50 -10.04
N PHE A 151 -12.23 -31.32 -10.52
CA PHE A 151 -11.84 -31.77 -11.85
C PHE A 151 -11.11 -33.09 -11.76
N GLU A 152 -11.34 -33.96 -12.75
CA GLU A 152 -10.75 -35.30 -12.75
C GLU A 152 -10.61 -35.78 -14.19
N GLU A 153 -9.96 -36.93 -14.34
CA GLU A 153 -9.70 -37.55 -15.64
C GLU A 153 -9.11 -36.56 -16.64
N GLY A 154 -7.91 -36.06 -16.34
CA GLY A 154 -7.16 -35.30 -17.32
C GLY A 154 -7.80 -34.04 -17.81
N GLN A 155 -8.54 -33.33 -16.96
CA GLN A 155 -9.17 -32.08 -17.35
C GLN A 155 -8.33 -30.90 -16.90
N GLU A 156 -7.01 -31.06 -16.94
CA GLU A 156 -6.10 -30.04 -16.42
C GLU A 156 -6.37 -28.67 -17.03
N LYS A 157 -6.75 -28.63 -18.31
CA LYS A 157 -7.03 -27.34 -18.94
C LYS A 157 -8.17 -26.62 -18.23
N GLN A 158 -9.25 -27.36 -17.93
CA GLN A 158 -10.37 -26.76 -17.22
C GLN A 158 -9.96 -26.36 -15.80
N ARG A 159 -9.07 -27.15 -15.18
CA ARG A 159 -8.60 -26.80 -13.84
C ARG A 159 -7.83 -25.49 -13.85
N ASN A 160 -6.95 -25.29 -14.84
CA ASN A 160 -6.24 -24.03 -14.96
C ASN A 160 -7.19 -22.89 -15.24
N ARG A 161 -8.17 -23.12 -16.12
CA ARG A 161 -9.20 -22.11 -16.35
C ARG A 161 -9.87 -21.70 -15.05
N PHE A 162 -10.25 -22.68 -14.23
CA PHE A 162 -10.92 -22.38 -12.97
C PHE A 162 -10.01 -21.60 -12.04
N PHE A 163 -8.74 -21.99 -11.95
CA PHE A 163 -7.83 -21.27 -11.06
C PHE A 163 -7.66 -19.81 -11.50
N SER A 164 -7.50 -19.59 -12.80
CA SER A 164 -7.38 -18.22 -13.29
C SER A 164 -8.64 -17.42 -12.99
N ILE A 165 -9.81 -18.03 -13.21
CA ILE A 165 -11.07 -17.32 -12.95
C ILE A 165 -11.20 -17.00 -11.46
N PHE A 166 -10.77 -17.92 -10.59
CA PHE A 166 -10.81 -17.68 -9.16
C PHE A 166 -9.94 -16.51 -8.77
N TYR A 167 -8.71 -16.47 -9.30
CA TYR A 167 -7.83 -15.35 -9.02
C TYR A 167 -8.41 -14.04 -9.55
N LEU A 168 -9.03 -14.07 -10.72
CA LEU A 168 -9.69 -12.87 -11.24
C LEU A 168 -10.82 -12.42 -10.33
N ALA A 169 -11.59 -13.38 -9.82
CA ALA A 169 -12.72 -13.03 -8.97
C ALA A 169 -12.25 -12.36 -7.68
N ILE A 170 -11.15 -12.83 -7.10
CA ILE A 170 -10.63 -12.20 -5.89
C ILE A 170 -10.35 -10.71 -6.14
N ASN A 171 -9.64 -10.41 -7.23
CA ASN A 171 -9.30 -9.02 -7.52
C ASN A 171 -10.53 -8.21 -7.90
N ALA A 172 -11.52 -8.84 -8.54
CA ALA A 172 -12.77 -8.13 -8.83
C ALA A 172 -13.46 -7.72 -7.55
N GLY A 173 -13.52 -8.62 -6.57
CA GLY A 173 -14.08 -8.26 -5.28
C GLY A 173 -13.31 -7.14 -4.61
N SER A 174 -11.98 -7.21 -4.67
CA SER A 174 -11.17 -6.14 -4.10
C SER A 174 -11.47 -4.80 -4.75
N LEU A 175 -11.58 -4.78 -6.08
CA LEU A 175 -11.84 -3.54 -6.80
C LEU A 175 -13.22 -2.98 -6.44
N LEU A 176 -14.22 -3.84 -6.37
CA LEU A 176 -15.55 -3.38 -5.99
C LEU A 176 -15.56 -2.80 -4.58
N SER A 177 -14.86 -3.45 -3.66
CA SER A 177 -14.76 -2.90 -2.31
C SER A 177 -14.08 -1.54 -2.33
N THR A 178 -13.01 -1.41 -3.09
CA THR A 178 -12.29 -0.14 -3.15
C THR A 178 -13.18 0.97 -3.69
N ILE A 179 -13.93 0.69 -4.76
CA ILE A 179 -14.76 1.75 -5.35
C ILE A 179 -15.96 2.07 -4.48
N ILE A 180 -16.54 1.09 -3.79
CA ILE A 180 -17.78 1.31 -3.06
C ILE A 180 -17.51 1.89 -1.67
N THR A 181 -16.38 1.53 -1.06
CA THR A 181 -16.15 1.90 0.33
C THR A 181 -16.30 3.39 0.60
N PRO A 182 -15.74 4.31 -0.21
CA PRO A 182 -15.83 5.73 0.14
C PRO A 182 -17.25 6.25 0.30
N MET A 183 -18.21 5.72 -0.45
CA MET A 183 -19.58 6.21 -0.36
C MET A 183 -20.18 5.99 1.03
N LEU A 184 -19.70 4.98 1.75
CA LEU A 184 -20.39 4.54 2.96
C LEU A 184 -20.30 5.58 4.07
N ARG A 185 -19.11 6.11 4.33
CA ARG A 185 -18.89 6.89 5.53
C ARG A 185 -19.79 8.12 5.57
N VAL A 186 -20.31 8.43 6.75
CA VAL A 186 -21.09 9.63 7.04
C VAL A 186 -22.21 9.81 6.02
N GLN A 187 -22.65 8.72 5.39
CA GLN A 187 -23.76 8.81 4.46
C GLN A 187 -25.09 8.99 5.18
N GLN A 188 -25.26 8.29 6.31
CA GLN A 188 -26.49 8.38 7.09
C GLN A 188 -26.66 9.78 7.67
N GLN A 195 -21.57 10.39 11.17
CA GLN A 195 -20.56 9.74 11.97
C GLN A 195 -21.12 8.48 12.65
N ALA A 196 -22.44 8.37 12.69
CA ALA A 196 -23.12 7.24 13.31
C ALA A 196 -23.65 6.24 12.28
N CYS A 197 -23.07 6.21 11.07
CA CYS A 197 -23.50 5.31 9.99
C CYS A 197 -22.99 3.87 10.18
N TYR A 198 -22.41 3.57 11.34
CA TYR A 198 -21.91 2.23 11.60
C TYR A 198 -22.96 1.13 11.41
N PRO A 199 -24.23 1.31 11.78
CA PRO A 199 -25.20 0.21 11.55
C PRO A 199 -25.11 -0.38 10.15
N LEU A 200 -25.26 0.44 9.11
CA LEU A 200 -25.10 -0.06 7.75
C LEU A 200 -23.69 -0.60 7.53
N ALA A 201 -22.69 0.10 8.08
CA ALA A 201 -21.30 -0.27 7.85
C ALA A 201 -21.06 -1.74 8.21
N PHE A 202 -21.53 -2.15 9.38
CA PHE A 202 -21.31 -3.53 9.82
C PHE A 202 -22.47 -4.45 9.45
N GLY A 203 -23.57 -3.92 8.90
CA GLY A 203 -24.67 -4.77 8.51
C GLY A 203 -24.54 -5.27 7.08
N VAL A 204 -24.27 -4.38 6.14
CA VAL A 204 -24.24 -4.77 4.72
C VAL A 204 -23.24 -5.90 4.50
N PRO A 205 -22.01 -5.84 5.01
CA PRO A 205 -21.10 -7.00 4.83
C PRO A 205 -21.68 -8.28 5.40
N ALA A 206 -22.34 -8.21 6.55
CA ALA A 206 -22.92 -9.41 7.14
C ALA A 206 -24.03 -9.97 6.25
N ALA A 207 -24.89 -9.11 5.72
CA ALA A 207 -25.95 -9.56 4.83
C ALA A 207 -25.39 -10.22 3.59
N LEU A 208 -24.35 -9.60 3.00
CA LEU A 208 -23.76 -10.16 1.79
C LEU A 208 -23.10 -11.50 2.08
N MET A 209 -22.40 -11.62 3.21
CA MET A 209 -21.80 -12.89 3.58
C MET A 209 -22.86 -13.95 3.80
N ALA A 210 -23.98 -13.58 4.43
CA ALA A 210 -25.07 -14.54 4.61
C ALA A 210 -25.62 -15.01 3.27
N VAL A 211 -25.80 -14.09 2.34
CA VAL A 211 -26.28 -14.47 1.00
C VAL A 211 -25.29 -15.42 0.35
N ALA A 212 -23.99 -15.11 0.46
CA ALA A 212 -22.98 -15.96 -0.14
C ALA A 212 -23.01 -17.36 0.48
N LEU A 213 -23.11 -17.45 1.80
CA LEU A 213 -23.15 -18.73 2.47
C LEU A 213 -24.35 -19.54 2.01
N ILE A 214 -25.51 -18.90 1.94
CA ILE A 214 -26.73 -19.62 1.54
C ILE A 214 -26.60 -20.13 0.11
N VAL A 215 -26.15 -19.26 -0.80
CA VAL A 215 -26.06 -19.67 -2.19
C VAL A 215 -25.05 -20.80 -2.35
N PHE A 216 -23.94 -20.76 -1.61
CA PHE A 216 -22.97 -21.85 -1.67
C PHE A 216 -23.60 -23.15 -1.16
N VAL A 217 -24.31 -23.08 -0.04
CA VAL A 217 -24.87 -24.29 0.56
C VAL A 217 -25.91 -24.91 -0.35
N LEU A 218 -26.71 -24.08 -1.04
CA LEU A 218 -27.77 -24.61 -1.87
C LEU A 218 -27.24 -25.51 -2.99
N GLY A 219 -25.95 -25.39 -3.32
CA GLY A 219 -25.35 -26.20 -4.35
C GLY A 219 -24.74 -27.50 -3.89
N SER A 220 -25.09 -27.97 -2.69
CA SER A 220 -24.45 -29.16 -2.13
C SER A 220 -24.61 -30.36 -3.04
N GLY A 221 -25.76 -30.47 -3.71
CA GLY A 221 -26.07 -31.68 -4.46
C GLY A 221 -25.10 -32.01 -5.57
N MET A 222 -24.46 -31.00 -6.16
CA MET A 222 -23.60 -31.21 -7.32
C MET A 222 -22.13 -31.37 -6.96
N TYR A 223 -21.73 -31.01 -5.75
CA TYR A 223 -20.32 -30.98 -5.39
C TYR A 223 -19.77 -32.40 -5.20
N LYS A 224 -18.44 -32.48 -5.17
CA LYS A 224 -17.72 -33.71 -4.89
C LYS A 224 -16.88 -33.49 -3.63
N LYS A 225 -16.94 -34.43 -2.70
CA LYS A 225 -16.28 -34.26 -1.41
C LYS A 225 -15.64 -35.56 -0.97
N PHE A 226 -14.63 -35.44 -0.12
CA PHE A 226 -13.91 -36.57 0.45
C PHE A 226 -13.72 -36.36 1.94
N LYS A 227 -13.54 -37.46 2.67
CA LYS A 227 -13.26 -37.38 4.09
C LYS A 227 -11.95 -38.09 4.42
N PRO A 228 -11.18 -37.60 5.39
CA PRO A 228 -9.90 -38.22 5.70
C PRO A 228 -10.06 -39.59 6.35
N GLN A 229 -9.02 -40.41 6.19
CA GLN A 229 -9.01 -41.71 6.83
C GLN A 229 -8.77 -41.61 8.33
N GLY A 230 -8.23 -40.51 8.81
CA GLY A 230 -7.97 -40.35 10.22
C GLY A 230 -7.19 -39.08 10.48
N ASN A 231 -6.63 -39.00 11.70
CA ASN A 231 -5.81 -37.86 12.09
C ASN A 231 -4.45 -38.00 11.40
N ILE A 232 -4.42 -37.64 10.12
CA ILE A 232 -3.20 -37.81 9.32
C ILE A 232 -2.06 -36.99 9.90
N MET A 233 -2.37 -35.79 10.41
CA MET A 233 -1.32 -34.92 10.93
C MET A 233 -0.61 -35.57 12.11
N GLY A 234 -1.37 -36.19 13.02
CA GLY A 234 -0.74 -36.86 14.15
C GLY A 234 0.15 -38.00 13.73
N LYS A 235 -0.32 -38.79 12.74
CA LYS A 235 0.50 -39.87 12.22
C LYS A 235 1.78 -39.33 11.61
N VAL A 236 1.69 -38.23 10.86
CA VAL A 236 2.87 -37.64 10.24
C VAL A 236 3.85 -37.18 11.30
N ALA A 237 3.33 -36.53 12.35
CA ALA A 237 4.21 -36.05 13.42
C ALA A 237 4.92 -37.21 14.11
N LYS A 238 4.16 -38.27 14.44
CA LYS A 238 4.76 -39.43 15.09
C LYS A 238 5.81 -40.08 14.19
N CYS A 239 5.50 -40.22 12.91
CA CYS A 239 6.44 -40.83 11.98
C CYS A 239 7.72 -40.01 11.86
N ILE A 240 7.57 -38.68 11.77
CA ILE A 240 8.75 -37.82 11.67
C ILE A 240 9.61 -37.93 12.92
N GLY A 241 8.96 -37.92 14.09
CA GLY A 241 9.73 -38.04 15.33
C GLY A 241 10.47 -39.35 15.41
N PHE A 242 9.77 -40.45 15.12
CA PHE A 242 10.41 -41.76 15.17
C PHE A 242 11.55 -41.85 14.16
N ALA A 243 11.34 -41.31 12.96
CA ALA A 243 12.36 -41.38 11.92
C ALA A 243 13.60 -40.59 12.32
N ILE A 244 13.42 -39.38 12.85
CA ILE A 244 14.57 -38.58 13.22
C ILE A 244 15.30 -39.20 14.40
N LYS A 245 14.56 -39.76 15.36
CA LYS A 245 15.21 -40.43 16.48
C LYS A 245 16.04 -41.61 15.99
N ASN A 246 15.46 -42.46 15.13
CA ASN A 246 16.19 -43.60 14.61
C ASN A 246 17.40 -43.16 13.80
N ARG A 247 17.25 -42.07 13.03
CA ARG A 247 18.38 -41.53 12.29
C ARG A 247 19.51 -41.11 13.23
N PHE A 248 19.17 -40.48 14.34
CA PHE A 248 20.14 -40.09 15.34
C PHE A 248 20.71 -41.29 16.08
N ARG A 249 20.04 -42.43 16.05
CA ARG A 249 20.65 -43.68 16.48
C ARG A 249 21.69 -44.09 15.44
N HIS A 250 22.35 -45.23 15.66
CA HIS A 250 23.33 -45.76 14.72
C HIS A 250 24.38 -44.72 14.37
N ARG A 251 24.92 -44.03 15.39
CA ARG A 251 25.89 -42.97 15.14
C ARG A 251 27.13 -43.48 14.41
N SER A 252 27.43 -44.77 14.51
CA SER A 252 28.60 -45.35 13.86
C SER A 252 28.24 -46.59 13.04
N LYS A 253 27.07 -46.60 12.40
CA LYS A 253 26.63 -47.73 11.58
C LYS A 253 25.79 -47.17 10.43
N ALA A 254 26.44 -46.97 9.29
CA ALA A 254 25.76 -46.45 8.10
C ALA A 254 25.00 -45.15 8.42
N PHE A 255 25.58 -44.32 9.28
CA PHE A 255 24.90 -43.08 9.66
C PHE A 255 24.61 -42.17 8.48
N PRO A 256 25.52 -41.95 7.53
CA PRO A 256 25.20 -41.09 6.39
C PRO A 256 23.94 -41.59 5.67
N LYS A 257 23.07 -40.65 5.32
CA LYS A 257 21.78 -41.00 4.75
C LYS A 257 21.91 -41.37 3.27
N ARG A 258 21.18 -42.40 2.87
CA ARG A 258 20.90 -42.60 1.45
C ARG A 258 19.76 -41.71 1.01
N GLU A 259 18.70 -41.66 1.81
CA GLU A 259 17.67 -40.63 1.70
C GLU A 259 17.23 -40.29 3.12
N HIS A 260 16.97 -39.00 3.35
CA HIS A 260 16.97 -38.48 4.71
C HIS A 260 16.00 -39.23 5.62
N TRP A 261 14.88 -39.72 5.07
CA TRP A 261 13.90 -40.44 5.88
C TRP A 261 13.60 -41.86 5.39
N LEU A 262 13.97 -42.22 4.16
CA LEU A 262 13.67 -43.57 3.71
C LEU A 262 14.47 -44.62 4.49
N ASP A 263 15.69 -44.28 4.91
CA ASP A 263 16.53 -45.24 5.61
C ASP A 263 16.02 -45.56 7.01
N TRP A 264 15.26 -44.66 7.62
CA TRP A 264 14.91 -44.79 9.03
C TRP A 264 13.43 -44.87 9.30
N ALA A 265 12.62 -44.02 8.65
CA ALA A 265 11.18 -44.06 8.85
C ALA A 265 10.61 -45.40 8.37
N LYS A 266 11.24 -46.00 7.36
CA LYS A 266 10.74 -47.25 6.80
C LYS A 266 10.72 -48.37 7.83
N GLU A 267 11.46 -48.23 8.92
CA GLU A 267 11.56 -49.30 9.91
C GLU A 267 10.19 -49.71 10.47
N LYS A 268 9.27 -48.76 10.63
CA LYS A 268 8.02 -49.03 11.33
C LYS A 268 6.75 -48.58 10.60
N TYR A 269 6.82 -47.59 9.72
CA TYR A 269 5.63 -46.97 9.17
C TYR A 269 5.37 -47.42 7.74
N ASP A 270 4.12 -47.30 7.32
CA ASP A 270 3.72 -47.74 5.98
C ASP A 270 4.42 -46.90 4.92
N GLU A 271 4.77 -47.54 3.81
CA GLU A 271 5.51 -46.87 2.75
C GLU A 271 4.69 -45.77 2.10
N ARG A 272 3.36 -45.92 2.05
CA ARG A 272 2.53 -44.91 1.41
C ARG A 272 2.65 -43.57 2.13
N LEU A 273 2.57 -43.59 3.46
CA LEU A 273 2.71 -42.35 4.22
C LEU A 273 4.11 -41.76 4.04
N ILE A 274 5.13 -42.63 3.97
CA ILE A 274 6.48 -42.15 3.73
C ILE A 274 6.56 -41.41 2.41
N SER A 275 5.96 -41.99 1.36
CA SER A 275 5.97 -41.34 0.06
C SER A 275 5.23 -40.01 0.09
N GLN A 276 4.09 -39.97 0.78
CA GLN A 276 3.32 -38.73 0.85
C GLN A 276 4.13 -37.63 1.54
N ILE A 277 4.74 -37.94 2.68
CA ILE A 277 5.53 -36.93 3.38
C ILE A 277 6.74 -36.54 2.54
N LYS A 278 7.33 -37.50 1.82
CA LYS A 278 8.44 -37.19 0.93
C LYS A 278 8.02 -36.17 -0.13
N MET A 279 6.86 -36.38 -0.75
CA MET A 279 6.37 -35.45 -1.76
C MET A 279 6.12 -34.07 -1.15
N VAL A 280 5.48 -34.03 0.02
CA VAL A 280 5.18 -32.74 0.64
C VAL A 280 6.46 -31.99 0.96
N THR A 281 7.45 -32.66 1.54
CA THR A 281 8.72 -32.01 1.85
C THR A 281 9.42 -31.54 0.59
N ARG A 282 9.43 -32.37 -0.45
CA ARG A 282 10.08 -32.00 -1.69
C ARG A 282 9.47 -30.73 -2.26
N VAL A 283 8.13 -30.66 -2.30
CA VAL A 283 7.49 -29.48 -2.84
C VAL A 283 7.77 -28.27 -1.97
N MET A 284 7.65 -28.43 -0.65
CA MET A 284 7.85 -27.29 0.25
C MET A 284 9.27 -26.77 0.21
N PHE A 285 10.24 -27.60 -0.18
CA PHE A 285 11.63 -27.12 -0.22
C PHE A 285 11.77 -25.92 -1.15
N LEU A 286 10.99 -25.87 -2.22
CA LEU A 286 11.14 -24.80 -3.20
C LEU A 286 10.71 -23.44 -2.66
N TYR A 287 9.85 -23.41 -1.64
CA TYR A 287 9.26 -22.16 -1.19
C TYR A 287 10.15 -21.36 -0.26
N ILE A 288 11.35 -21.86 0.06
CA ILE A 288 12.21 -21.15 1.02
C ILE A 288 12.53 -19.74 0.56
N PRO A 289 12.88 -19.47 -0.70
CA PRO A 289 13.29 -18.11 -1.08
C PRO A 289 12.13 -17.14 -1.30
N LEU A 290 10.94 -17.66 -1.58
CA LEU A 290 9.79 -16.85 -1.98
C LEU A 290 9.41 -15.75 -0.99
N PRO A 291 9.47 -15.97 0.33
CA PRO A 291 9.10 -14.87 1.24
C PRO A 291 9.98 -13.64 1.06
N MET A 292 11.27 -13.81 0.76
CA MET A 292 12.10 -12.64 0.49
C MET A 292 11.62 -11.91 -0.75
N PHE A 293 11.24 -12.64 -1.79
CA PHE A 293 10.70 -11.98 -2.99
C PHE A 293 9.44 -11.21 -2.66
N TRP A 294 8.55 -11.80 -1.86
CA TRP A 294 7.31 -11.12 -1.52
C TRP A 294 7.59 -9.85 -0.72
N ALA A 295 8.50 -9.92 0.26
CA ALA A 295 8.84 -8.73 1.03
C ALA A 295 9.46 -7.65 0.16
N LEU A 296 10.33 -8.04 -0.77
CA LEU A 296 10.94 -7.06 -1.67
C LEU A 296 9.90 -6.43 -2.59
N PHE A 297 8.98 -7.24 -3.10
CA PHE A 297 7.96 -6.74 -4.01
C PHE A 297 7.02 -5.77 -3.31
N ASP A 298 6.73 -6.03 -2.02
CA ASP A 298 5.78 -5.18 -1.31
C ASP A 298 6.30 -3.77 -1.10
N GLN A 299 7.58 -3.52 -1.35
CA GLN A 299 8.16 -2.20 -1.05
C GLN A 299 7.59 -1.10 -1.93
N GLN A 300 7.03 -1.43 -3.09
CA GLN A 300 6.58 -0.40 -4.01
C GLN A 300 5.40 0.39 -3.46
N GLY A 301 4.60 -0.22 -2.59
CA GLY A 301 3.35 0.41 -2.17
C GLY A 301 3.55 1.77 -1.54
N SER A 302 4.54 1.89 -0.65
CA SER A 302 4.73 3.15 0.07
C SER A 302 5.72 4.07 -0.62
N ARG A 303 6.23 3.70 -1.79
CA ARG A 303 7.20 4.51 -2.51
C ARG A 303 6.62 5.12 -3.78
N TRP A 304 5.94 4.31 -4.58
CA TRP A 304 5.39 4.80 -5.83
C TRP A 304 4.27 5.81 -5.62
N THR A 305 3.52 5.70 -4.52
CA THR A 305 2.53 6.72 -4.21
C THR A 305 3.20 8.08 -3.98
N LEU A 306 4.31 8.11 -3.23
CA LEU A 306 5.03 9.36 -3.05
C LEU A 306 5.58 9.87 -4.37
N GLN A 307 6.14 8.97 -5.18
CA GLN A 307 6.61 9.38 -6.51
C GLN A 307 5.47 10.03 -7.30
N ALA A 308 4.26 9.48 -7.18
CA ALA A 308 3.11 10.12 -7.80
C ALA A 308 2.85 11.50 -7.20
N THR A 309 2.97 11.63 -5.88
CA THR A 309 2.81 12.92 -5.24
C THR A 309 3.71 13.96 -5.88
N THR A 310 4.96 13.60 -6.15
CA THR A 310 5.88 14.51 -6.82
C THR A 310 5.76 14.45 -8.34
N MET A 311 4.75 13.76 -8.88
CA MET A 311 4.56 13.58 -10.31
C MET A 311 3.17 14.07 -10.71
N SER A 312 2.74 15.17 -10.10
CA SER A 312 1.36 15.62 -10.18
C SER A 312 0.99 16.23 -11.53
N GLY A 313 1.82 16.11 -12.56
CA GLY A 313 1.38 16.51 -13.88
C GLY A 313 0.10 15.80 -14.27
N LYS A 314 -0.77 16.52 -14.99
CA LYS A 314 -2.14 16.08 -15.19
C LYS A 314 -2.43 15.80 -16.66
N ILE A 315 -3.23 14.77 -16.90
CA ILE A 315 -3.73 14.51 -18.24
C ILE A 315 -4.71 15.61 -18.61
N GLY A 316 -4.77 15.94 -19.91
CA GLY A 316 -5.61 17.05 -20.34
C GLY A 316 -7.08 16.76 -20.25
N ALA A 317 -7.46 15.48 -20.09
CA ALA A 317 -8.87 15.11 -20.15
C ALA A 317 -9.55 15.22 -18.79
N LEU A 318 -8.94 14.68 -17.74
CA LEU A 318 -9.60 14.59 -16.46
C LEU A 318 -8.63 14.95 -15.34
N GLU A 319 -9.15 14.98 -14.11
CA GLU A 319 -8.44 15.56 -12.98
C GLU A 319 -8.15 14.54 -11.88
N ILE A 320 -7.65 13.36 -12.25
CA ILE A 320 -7.29 12.33 -11.28
C ILE A 320 -6.34 12.90 -10.23
N GLN A 321 -6.56 12.55 -8.96
CA GLN A 321 -5.71 13.04 -7.90
C GLN A 321 -4.45 12.19 -7.77
N PRO A 322 -3.39 12.71 -7.14
CA PRO A 322 -2.13 11.97 -7.06
C PRO A 322 -2.25 10.62 -6.38
N ASP A 323 -3.07 10.50 -5.34
CA ASP A 323 -3.15 9.27 -4.58
C ASP A 323 -4.09 8.24 -5.20
N GLN A 324 -4.76 8.57 -6.30
CA GLN A 324 -5.70 7.64 -6.92
C GLN A 324 -5.02 6.69 -7.89
N MET A 325 -3.73 6.86 -8.15
CA MET A 325 -3.04 6.00 -9.12
C MET A 325 -3.04 4.54 -8.69
N GLN A 326 -3.10 4.25 -7.39
CA GLN A 326 -3.00 2.88 -6.93
C GLN A 326 -4.06 1.98 -7.53
N THR A 327 -5.23 2.54 -7.85
CA THR A 327 -6.30 1.74 -8.43
C THR A 327 -5.92 1.15 -9.79
N VAL A 328 -4.92 1.75 -10.47
CA VAL A 328 -4.51 1.25 -11.77
C VAL A 328 -4.04 -0.19 -11.67
N ASN A 329 -3.50 -0.60 -10.52
CA ASN A 329 -3.07 -1.98 -10.37
C ASN A 329 -4.24 -2.94 -10.57
N ALA A 330 -5.34 -2.71 -9.84
CA ALA A 330 -6.51 -3.56 -9.99
C ALA A 330 -7.13 -3.42 -11.38
N ILE A 331 -7.19 -2.20 -11.90
CA ILE A 331 -7.78 -2.01 -13.22
C ILE A 331 -7.02 -2.80 -14.27
N LEU A 332 -5.69 -2.87 -14.13
CA LEU A 332 -4.89 -3.62 -15.09
C LEU A 332 -4.97 -5.12 -14.85
N ILE A 333 -5.05 -5.54 -13.58
CA ILE A 333 -5.05 -6.98 -13.31
C ILE A 333 -6.34 -7.62 -13.79
N VAL A 334 -7.48 -6.96 -13.53
CA VAL A 334 -8.77 -7.54 -13.90
C VAL A 334 -8.93 -7.71 -15.39
N ILE A 335 -8.04 -7.14 -16.20
CA ILE A 335 -8.06 -7.32 -17.65
C ILE A 335 -6.91 -8.20 -18.11
N MET A 336 -5.75 -8.09 -17.47
CA MET A 336 -4.61 -8.92 -17.84
C MET A 336 -4.90 -10.39 -17.58
N VAL A 337 -5.51 -10.71 -16.43
CA VAL A 337 -5.71 -12.11 -16.08
C VAL A 337 -6.49 -12.85 -17.17
N PRO A 338 -7.63 -12.36 -17.67
CA PRO A 338 -8.28 -13.05 -18.78
C PRO A 338 -7.42 -13.16 -20.03
N ILE A 339 -6.68 -12.10 -20.37
CA ILE A 339 -6.02 -12.03 -21.67
C ILE A 339 -4.97 -13.12 -21.82
N PHE A 340 -4.16 -13.34 -20.77
CA PHE A 340 -3.13 -14.37 -20.86
C PHE A 340 -3.75 -15.71 -21.19
N ASP A 341 -4.60 -16.24 -20.30
CA ASP A 341 -5.20 -17.54 -20.51
C ASP A 341 -5.94 -17.59 -21.84
N ALA A 342 -6.51 -16.46 -22.28
CA ALA A 342 -7.29 -16.48 -23.52
C ALA A 342 -6.39 -16.67 -24.74
N VAL A 343 -5.32 -15.90 -24.85
CA VAL A 343 -4.56 -15.87 -26.10
C VAL A 343 -3.09 -16.22 -25.92
N LEU A 344 -2.45 -15.65 -24.89
CA LEU A 344 -0.98 -15.73 -24.82
C LEU A 344 -0.51 -17.18 -24.71
N TYR A 345 -1.04 -17.93 -23.76
CA TYR A 345 -0.58 -19.30 -23.58
C TYR A 345 -0.82 -20.16 -24.81
N PRO A 346 -1.98 -20.14 -25.46
CA PRO A 346 -2.10 -20.87 -26.73
C PRO A 346 -1.08 -20.44 -27.77
N LEU A 347 -0.81 -19.14 -27.87
CA LEU A 347 0.18 -18.66 -28.84
C LEU A 347 1.56 -19.19 -28.51
N ILE A 348 1.93 -19.17 -27.22
CA ILE A 348 3.24 -19.69 -26.82
C ILE A 348 3.33 -21.18 -27.08
N ALA A 349 2.22 -21.91 -26.89
CA ALA A 349 2.24 -23.34 -27.14
C ALA A 349 2.36 -23.63 -28.63
N LYS A 350 1.75 -22.81 -29.48
CA LYS A 350 1.75 -23.08 -30.91
C LYS A 350 3.16 -23.08 -31.47
N CYS A 351 4.01 -22.15 -31.01
CA CYS A 351 5.40 -22.13 -31.44
C CYS A 351 6.26 -23.17 -30.74
N GLY A 352 5.67 -24.03 -29.92
CA GLY A 352 6.38 -25.15 -29.35
C GLY A 352 7.47 -24.79 -28.37
N PHE A 353 7.23 -23.86 -27.45
CA PHE A 353 8.23 -23.50 -26.46
C PHE A 353 8.22 -24.41 -25.23
N ASN A 354 7.20 -25.25 -25.07
CA ASN A 354 7.07 -26.11 -23.91
C ASN A 354 7.19 -25.28 -22.62
N PHE A 355 6.21 -24.39 -22.44
CA PHE A 355 6.29 -23.31 -21.47
C PHE A 355 5.65 -23.77 -20.17
N THR A 356 6.50 -24.25 -19.25
CA THR A 356 6.04 -24.93 -18.04
C THR A 356 5.92 -23.96 -16.87
N SER A 357 5.55 -24.52 -15.72
CA SER A 357 5.22 -23.70 -14.55
C SER A 357 6.44 -22.97 -14.00
N LEU A 358 7.54 -23.70 -13.79
CA LEU A 358 8.73 -23.07 -13.21
C LEU A 358 9.22 -21.94 -14.09
N LYS A 359 9.22 -22.15 -15.41
CA LYS A 359 9.61 -21.09 -16.33
C LYS A 359 8.67 -19.90 -16.19
N LYS A 360 7.38 -20.15 -16.03
CA LYS A 360 6.43 -19.06 -15.86
C LYS A 360 6.75 -18.24 -14.61
N MET A 361 7.03 -18.92 -13.50
CA MET A 361 7.33 -18.19 -12.26
C MET A 361 8.62 -17.39 -12.39
N ALA A 362 9.64 -17.99 -13.00
CA ALA A 362 10.89 -17.26 -13.20
C ALA A 362 10.68 -16.03 -14.07
N VAL A 363 9.91 -16.18 -15.15
CA VAL A 363 9.64 -15.04 -16.03
C VAL A 363 8.89 -13.96 -15.28
N GLY A 364 7.91 -14.35 -14.47
CA GLY A 364 7.17 -13.37 -13.69
C GLY A 364 8.08 -12.58 -12.76
N MET A 365 9.00 -13.27 -12.08
CA MET A 365 9.88 -12.55 -11.17
C MET A 365 10.84 -11.64 -11.93
N VAL A 366 11.29 -12.08 -13.12
CA VAL A 366 12.16 -11.22 -13.92
C VAL A 366 11.42 -9.96 -14.35
N LEU A 367 10.16 -10.09 -14.75
CA LEU A 367 9.37 -8.92 -15.11
C LEU A 367 9.17 -8.00 -13.91
N ALA A 368 8.90 -8.58 -12.74
CA ALA A 368 8.81 -7.78 -11.52
C ALA A 368 10.10 -7.00 -11.31
N SER A 369 11.25 -7.60 -11.61
CA SER A 369 12.51 -6.89 -11.49
C SER A 369 12.58 -5.72 -12.47
N MET A 370 12.21 -5.96 -13.74
CA MET A 370 12.28 -4.90 -14.74
C MET A 370 11.36 -3.73 -14.42
N ALA A 371 10.25 -3.99 -13.74
CA ALA A 371 9.36 -2.89 -13.37
C ALA A 371 10.11 -1.84 -12.57
N PHE A 372 10.96 -2.27 -11.63
CA PHE A 372 11.65 -1.30 -10.78
C PHE A 372 12.73 -0.54 -11.55
N VAL A 373 13.38 -1.16 -12.54
CA VAL A 373 14.34 -0.40 -13.33
C VAL A 373 13.63 0.68 -14.15
N VAL A 374 12.44 0.35 -14.67
CA VAL A 374 11.66 1.38 -15.35
C VAL A 374 11.32 2.51 -14.38
N ALA A 375 10.93 2.15 -13.16
CA ALA A 375 10.62 3.17 -12.16
C ALA A 375 11.83 4.04 -11.87
N ALA A 376 13.02 3.43 -11.77
CA ALA A 376 14.24 4.19 -11.50
C ALA A 376 14.53 5.17 -12.63
N ILE A 377 14.35 4.72 -13.88
CA ILE A 377 14.56 5.61 -15.01
C ILE A 377 13.61 6.81 -14.92
N VAL A 378 12.34 6.54 -14.59
CA VAL A 378 11.38 7.63 -14.48
C VAL A 378 11.79 8.58 -13.35
N GLN A 379 12.25 8.04 -12.23
CA GLN A 379 12.63 8.88 -11.10
C GLN A 379 13.81 9.79 -11.45
N VAL A 380 14.83 9.23 -12.11
CA VAL A 380 15.97 10.05 -12.50
C VAL A 380 15.57 11.09 -13.52
N GLU A 381 14.61 10.77 -14.40
CA GLU A 381 14.11 11.80 -15.31
C GLU A 381 13.41 12.91 -14.54
N ILE A 382 12.63 12.55 -13.51
CA ILE A 382 11.93 13.55 -12.71
C ILE A 382 12.93 14.47 -12.02
N ASP A 383 14.02 13.90 -11.50
CA ASP A 383 14.95 14.66 -10.66
C ASP A 383 15.39 15.98 -11.30
N LYS A 384 15.25 16.14 -12.61
CA LYS A 384 15.74 17.35 -13.27
C LYS A 384 15.08 18.62 -12.75
N THR A 385 13.75 18.61 -12.59
CA THR A 385 13.01 19.84 -12.37
C THR A 385 12.70 20.14 -10.90
N LEU A 386 13.16 19.32 -9.97
CA LEU A 386 12.90 19.62 -8.57
C LEU A 386 13.85 20.70 -8.07
N PRO A 387 13.43 21.47 -7.07
CA PRO A 387 14.35 22.44 -6.45
C PRO A 387 15.30 21.74 -5.49
N VAL A 388 16.17 22.54 -4.88
CA VAL A 388 17.15 22.05 -3.92
C VAL A 388 16.87 22.71 -2.58
N PHE A 389 16.69 21.87 -1.53
CA PHE A 389 16.40 22.37 -0.20
C PHE A 389 17.64 22.32 0.67
N PRO A 390 17.74 23.19 1.68
CA PRO A 390 18.94 23.20 2.52
C PRO A 390 19.14 21.89 3.26
N LYS A 391 20.41 21.54 3.47
CA LYS A 391 20.81 20.33 4.16
C LYS A 391 21.79 20.67 5.27
N GLY A 392 21.69 19.94 6.38
CA GLY A 392 22.65 20.13 7.46
C GLY A 392 22.68 21.56 7.93
N ASN A 393 23.87 22.16 7.91
CA ASN A 393 24.07 23.53 8.35
C ASN A 393 23.72 24.56 7.30
N GLU A 394 23.29 24.12 6.12
CA GLU A 394 22.93 25.06 5.06
C GLU A 394 21.71 25.88 5.45
N VAL A 395 21.72 27.15 5.04
CA VAL A 395 20.59 28.05 5.28
C VAL A 395 20.32 28.80 3.99
N GLN A 396 19.04 28.93 3.66
CA GLN A 396 18.60 29.55 2.40
C GLN A 396 17.76 30.77 2.71
N ILE A 397 17.86 31.78 1.85
CA ILE A 397 17.19 33.06 2.04
C ILE A 397 16.59 33.51 0.72
N LYS A 398 15.39 34.08 0.78
CA LYS A 398 14.78 34.77 -0.34
C LYS A 398 14.44 36.19 0.07
N VAL A 399 14.70 37.15 -0.81
CA VAL A 399 14.49 38.56 -0.54
C VAL A 399 13.30 39.05 -1.35
N LEU A 400 12.40 39.78 -0.69
CA LEU A 400 11.18 40.28 -1.31
C LEU A 400 11.02 41.74 -0.92
N ASN A 401 11.16 42.64 -1.90
CA ASN A 401 10.95 44.07 -1.66
C ASN A 401 9.48 44.40 -1.88
N ILE A 402 8.85 44.96 -0.86
CA ILE A 402 7.44 45.34 -0.91
C ILE A 402 7.25 46.83 -0.65
N GLY A 403 8.30 47.62 -0.86
CA GLY A 403 8.23 49.05 -0.64
C GLY A 403 7.81 49.81 -1.89
N ASN A 404 7.78 51.14 -1.77
CA ASN A 404 7.41 52.01 -2.87
C ASN A 404 8.59 52.38 -3.76
N ASN A 405 9.81 52.02 -3.37
CA ASN A 405 11.00 52.44 -4.09
C ASN A 405 11.95 51.26 -4.25
N THR A 406 13.09 51.53 -4.87
CA THR A 406 14.13 50.52 -5.00
C THR A 406 14.93 50.41 -3.72
N MET A 407 15.35 49.18 -3.39
CA MET A 407 16.21 48.91 -2.25
C MET A 407 17.47 48.21 -2.72
N ASN A 408 18.59 48.50 -2.05
CA ASN A 408 19.86 47.83 -2.28
C ASN A 408 20.22 47.08 -1.00
N ILE A 409 20.45 45.77 -1.13
CA ILE A 409 20.70 44.90 0.00
C ILE A 409 22.05 44.22 -0.21
N SER A 410 22.89 44.26 0.81
CA SER A 410 24.21 43.65 0.78
C SER A 410 24.18 42.34 1.55
N LEU A 411 24.61 41.25 0.90
CA LEU A 411 24.66 39.93 1.52
C LEU A 411 26.10 39.44 1.53
N PRO A 412 26.41 38.37 2.27
CA PRO A 412 27.79 37.85 2.27
C PRO A 412 28.30 37.59 0.86
N GLY A 413 29.31 38.33 0.45
CA GLY A 413 29.89 38.15 -0.87
C GLY A 413 28.97 38.45 -2.03
N GLU A 414 27.87 39.16 -1.81
CA GLU A 414 26.94 39.47 -2.88
C GLU A 414 26.12 40.69 -2.51
N MET A 415 25.69 41.43 -3.53
CA MET A 415 24.84 42.59 -3.36
C MET A 415 23.74 42.55 -4.41
N VAL A 416 22.52 42.91 -4.01
CA VAL A 416 21.33 42.78 -4.84
C VAL A 416 20.56 44.09 -4.81
N THR A 417 19.99 44.46 -5.96
CA THR A 417 19.10 45.60 -6.07
C THR A 417 17.73 45.11 -6.51
N LEU A 418 16.69 45.51 -5.79
CA LEU A 418 15.32 45.07 -6.06
C LEU A 418 14.43 46.29 -6.19
N GLY A 419 13.66 46.34 -7.28
CA GLY A 419 12.71 47.39 -7.47
C GLY A 419 11.43 47.16 -6.68
N PRO A 420 10.52 48.13 -6.73
CA PRO A 420 9.27 47.99 -5.98
C PRO A 420 8.52 46.73 -6.39
N MET A 421 7.96 46.05 -5.40
CA MET A 421 7.15 44.84 -5.63
C MET A 421 7.90 43.84 -6.52
N SER A 422 9.14 43.57 -6.13
CA SER A 422 10.01 42.67 -6.88
C SER A 422 10.62 41.67 -5.92
N GLN A 423 11.07 40.55 -6.48
CA GLN A 423 11.59 39.44 -5.70
C GLN A 423 12.84 38.87 -6.35
N THR A 424 13.64 38.19 -5.54
CA THR A 424 14.74 37.40 -6.08
C THR A 424 14.20 36.13 -6.72
N ASN A 425 14.80 35.73 -7.85
CA ASN A 425 14.26 34.61 -8.61
C ASN A 425 14.32 33.30 -7.81
N ALA A 426 15.42 33.05 -7.11
CA ALA A 426 15.59 31.80 -6.39
C ALA A 426 16.28 32.07 -5.07
N PHE A 427 16.11 31.12 -4.13
CA PHE A 427 16.70 31.25 -2.81
C PHE A 427 18.22 31.20 -2.90
N MET A 428 18.88 32.08 -2.17
CA MET A 428 20.33 32.04 -2.07
C MET A 428 20.75 31.15 -0.91
N THR A 429 21.74 30.29 -1.13
CA THR A 429 22.17 29.31 -0.16
C THR A 429 23.45 29.78 0.54
N PHE A 430 23.44 29.68 1.86
CA PHE A 430 24.59 30.02 2.69
C PHE A 430 24.70 29.02 3.83
N ASP A 431 25.80 29.13 4.58
CA ASP A 431 25.99 28.32 5.78
C ASP A 431 25.76 29.19 7.01
N VAL A 432 25.29 28.56 8.09
CA VAL A 432 24.98 29.31 9.30
C VAL A 432 26.20 30.06 9.80
N ASN A 433 27.36 29.41 9.79
CA ASN A 433 28.59 30.07 10.22
C ASN A 433 28.94 31.27 9.35
N LYS A 434 28.70 31.19 8.04
CA LYS A 434 29.06 32.26 7.13
C LYS A 434 28.00 33.35 7.03
N LEU A 435 26.79 33.09 7.53
CA LEU A 435 25.72 34.09 7.47
C LEU A 435 25.84 35.07 8.63
N THR A 436 26.82 35.95 8.57
CA THR A 436 27.12 36.85 9.69
C THR A 436 26.61 38.26 9.48
N ARG A 437 26.74 38.82 8.28
CA ARG A 437 26.40 40.22 8.04
C ARG A 437 25.38 40.34 6.93
N ILE A 438 24.33 41.14 7.19
CA ILE A 438 23.37 41.55 6.18
C ILE A 438 23.09 43.03 6.38
N ASN A 439 23.15 43.80 5.30
CA ASN A 439 22.93 45.24 5.35
C ASN A 439 21.89 45.64 4.32
N ILE A 440 21.03 46.58 4.70
CA ILE A 440 19.96 47.08 3.85
C ILE A 440 20.14 48.57 3.67
N SER A 441 19.97 49.04 2.44
CA SER A 441 20.12 50.46 2.14
C SER A 441 19.28 50.78 0.92
N SER A 442 18.95 52.06 0.79
CA SER A 442 18.22 52.59 -0.35
C SER A 442 18.97 53.82 -0.85
N PRO A 443 18.82 54.17 -2.14
CA PRO A 443 19.58 55.31 -2.67
C PRO A 443 19.44 56.56 -1.81
N GLY A 444 20.56 56.99 -1.21
CA GLY A 444 20.55 58.16 -0.34
C GLY A 444 19.97 57.92 1.04
N SER A 445 19.71 56.67 1.40
CA SER A 445 19.09 56.36 2.69
C SER A 445 20.13 55.76 3.63
N PRO A 446 19.88 55.83 4.95
CA PRO A 446 20.79 55.20 5.90
C PRO A 446 20.78 53.68 5.78
N VAL A 447 21.84 53.06 6.28
CA VAL A 447 22.04 51.62 6.19
C VAL A 447 21.61 50.98 7.50
N THR A 448 20.85 49.89 7.41
CA THR A 448 20.34 49.17 8.57
C THR A 448 20.91 47.75 8.54
N ALA A 449 21.41 47.30 9.69
CA ALA A 449 21.96 45.96 9.79
C ALA A 449 20.94 45.00 10.38
N VAL A 450 20.94 43.76 9.88
CA VAL A 450 19.98 42.76 10.34
C VAL A 450 20.43 42.23 11.70
N THR A 451 19.48 42.12 12.63
CA THR A 451 19.75 41.59 13.96
C THR A 451 19.11 40.23 14.20
N ASP A 452 18.25 39.77 13.30
CA ASP A 452 17.55 38.51 13.50
C ASP A 452 18.51 37.33 13.32
N ASP A 453 18.06 36.16 13.79
CA ASP A 453 18.82 34.93 13.71
C ASP A 453 18.15 33.98 12.72
N PHE A 454 18.96 33.27 11.94
CA PHE A 454 18.48 32.32 10.95
C PHE A 454 18.81 30.91 11.42
N LYS A 455 17.83 30.02 11.32
CA LYS A 455 18.02 28.65 11.75
C LYS A 455 18.45 27.76 10.58
N GLN A 456 19.30 26.78 10.89
CA GLN A 456 19.81 25.89 9.85
C GLN A 456 18.69 25.00 9.31
N GLY A 457 18.82 24.63 8.04
CA GLY A 457 17.85 23.76 7.42
C GLY A 457 16.45 24.33 7.35
N GLN A 458 16.31 25.63 7.16
CA GLN A 458 15.02 26.29 7.08
C GLN A 458 15.07 27.41 6.05
N ARG A 459 14.11 27.41 5.14
CA ARG A 459 14.00 28.48 4.17
C ARG A 459 13.46 29.74 4.84
N HIS A 460 14.11 30.87 4.58
CA HIS A 460 13.77 32.13 5.21
C HIS A 460 13.40 33.17 4.17
N THR A 461 12.37 33.96 4.47
CA THR A 461 11.93 35.06 3.61
C THR A 461 12.25 36.37 4.30
N LEU A 462 12.88 37.29 3.57
CA LEU A 462 13.26 38.59 4.09
C LEU A 462 12.42 39.66 3.38
N LEU A 463 11.76 40.51 4.16
CA LEU A 463 10.89 41.54 3.63
C LEU A 463 11.47 42.91 3.93
N VAL A 464 11.53 43.77 2.91
CA VAL A 464 12.03 45.12 3.04
C VAL A 464 11.09 46.07 2.31
N TRP A 465 10.72 47.16 2.97
CA TRP A 465 9.84 48.16 2.35
C TRP A 465 10.35 49.57 2.58
N ALA A 466 11.34 49.73 3.44
CA ALA A 466 11.87 51.05 3.77
C ALA A 466 13.29 50.89 4.28
N PRO A 467 14.08 51.97 4.29
CA PRO A 467 15.49 51.84 4.67
C PRO A 467 15.71 51.25 6.05
N ASN A 468 14.86 51.58 7.03
CA ASN A 468 15.03 51.11 8.40
C ASN A 468 13.87 50.25 8.86
N HIS A 469 13.18 49.59 7.93
CA HIS A 469 12.02 48.75 8.26
C HIS A 469 12.14 47.46 7.46
N TYR A 470 12.20 46.33 8.15
CA TYR A 470 12.31 45.03 7.52
C TYR A 470 11.74 43.98 8.45
N GLN A 471 11.55 42.77 7.92
CA GLN A 471 11.03 41.66 8.70
C GLN A 471 11.64 40.36 8.20
N VAL A 472 11.80 39.40 9.11
CA VAL A 472 12.28 38.06 8.78
C VAL A 472 11.19 37.07 9.15
N VAL A 473 10.86 36.19 8.20
CA VAL A 473 9.77 35.25 8.35
C VAL A 473 10.29 33.84 8.10
N LYS A 474 9.99 32.92 9.01
CA LYS A 474 10.32 31.52 8.81
C LYS A 474 9.26 30.87 7.93
N ASP A 475 9.69 30.20 6.87
CA ASP A 475 8.76 29.64 5.89
C ASP A 475 8.13 28.34 6.36
N GLY A 476 8.92 27.40 6.87
CA GLY A 476 8.39 26.13 7.31
C GLY A 476 8.37 25.09 6.21
N LEU A 477 8.15 25.52 4.98
CA LEU A 477 8.12 24.60 3.84
C LEU A 477 9.55 24.22 3.45
N ASN A 478 9.90 22.95 3.63
CA ASN A 478 11.19 22.42 3.21
C ASN A 478 11.03 21.16 2.39
N GLN A 479 9.86 20.95 1.80
CA GLN A 479 9.62 19.77 0.98
C GLN A 479 8.44 20.05 0.06
N LYS A 480 8.30 19.23 -0.97
CA LYS A 480 7.16 19.35 -1.86
C LYS A 480 5.88 19.11 -1.07
N PRO A 481 4.82 19.89 -1.28
CA PRO A 481 3.62 19.72 -0.48
C PRO A 481 3.06 18.31 -0.58
N GLU A 482 2.55 17.82 0.55
CA GLU A 482 2.02 16.47 0.61
C GLU A 482 0.81 16.32 -0.29
N LYS A 483 0.71 15.16 -0.95
CA LYS A 483 -0.43 14.82 -1.80
C LYS A 483 -0.60 15.82 -2.95
N GLY A 484 0.45 16.56 -3.28
CA GLY A 484 0.38 17.46 -4.42
C GLY A 484 -0.48 18.69 -4.22
N GLU A 485 -0.91 18.98 -3.01
CA GLU A 485 -1.75 20.14 -2.77
C GLU A 485 -0.94 21.42 -2.95
N ASN A 486 -1.66 22.54 -3.06
CA ASN A 486 -1.06 23.84 -3.29
C ASN A 486 -1.06 24.64 -2.00
N GLY A 487 0.08 25.23 -1.67
CA GLY A 487 0.22 26.04 -0.46
C GLY A 487 0.08 27.52 -0.79
N ILE A 488 -0.63 28.23 0.09
CA ILE A 488 -0.90 29.65 -0.07
C ILE A 488 -0.66 30.36 1.25
N ARG A 489 -0.11 31.56 1.18
CA ARG A 489 0.06 32.41 2.36
C ARG A 489 -0.15 33.86 1.95
N PHE A 490 -0.37 34.71 2.95
CA PHE A 490 -0.67 36.11 2.73
C PHE A 490 0.27 36.98 3.56
N VAL A 491 0.52 38.19 3.05
CA VAL A 491 1.34 39.20 3.72
C VAL A 491 0.51 40.46 3.84
N ASN A 492 0.44 41.01 5.05
CA ASN A 492 -0.34 42.21 5.31
C ASN A 492 0.54 43.44 5.24
N THR A 493 0.09 44.44 4.49
CA THR A 493 0.76 45.73 4.41
C THR A 493 -0.09 46.85 4.99
N PHE A 494 -1.33 46.55 5.38
CA PHE A 494 -2.19 47.56 5.97
C PHE A 494 -1.72 47.89 7.39
N ASN A 495 -2.19 49.03 7.90
CA ASN A 495 -1.84 49.44 9.25
C ASN A 495 -2.53 48.56 10.29
N GLU A 496 -3.76 48.14 10.03
CA GLU A 496 -4.54 47.37 10.98
C GLU A 496 -4.51 45.88 10.63
N LEU A 497 -5.12 45.07 11.49
CA LEU A 497 -5.17 43.64 11.26
C LEU A 497 -6.07 43.30 10.08
N ILE A 498 -5.84 42.14 9.49
CA ILE A 498 -6.66 41.63 8.39
C ILE A 498 -6.94 40.17 8.65
N THR A 499 -8.13 39.72 8.20
CA THR A 499 -8.54 38.33 8.30
C THR A 499 -9.02 37.87 6.94
N ILE A 500 -8.53 36.70 6.50
CA ILE A 500 -8.80 36.18 5.17
C ILE A 500 -9.46 34.81 5.30
N THR A 501 -10.54 34.61 4.54
CA THR A 501 -11.22 33.32 4.45
C THR A 501 -11.23 32.86 3.01
N MET A 502 -10.80 31.62 2.77
CA MET A 502 -10.70 31.06 1.42
C MET A 502 -11.17 29.61 1.44
N SER A 503 -12.31 29.36 0.82
CA SER A 503 -12.78 27.99 0.55
C SER A 503 -12.73 27.12 1.79
N GLY A 504 -13.36 27.60 2.86
CA GLY A 504 -13.50 26.81 4.07
C GLY A 504 -12.34 26.89 5.05
N LYS A 505 -11.34 27.73 4.77
CA LYS A 505 -10.21 27.91 5.67
C LYS A 505 -9.96 29.40 5.84
N VAL A 506 -9.47 29.78 7.02
CA VAL A 506 -9.40 31.17 7.43
C VAL A 506 -8.00 31.49 7.95
N TYR A 507 -7.47 32.61 7.49
CA TYR A 507 -6.27 33.23 8.07
C TYR A 507 -6.75 34.39 8.94
N ALA A 508 -6.46 34.32 10.24
CA ALA A 508 -7.05 35.23 11.22
C ALA A 508 -5.99 36.11 11.84
N ASN A 509 -6.30 37.40 11.96
CA ASN A 509 -5.51 38.34 12.73
C ASN A 509 -4.06 38.39 12.25
N ILE A 510 -3.88 38.85 11.00
CA ILE A 510 -2.53 39.04 10.47
C ILE A 510 -2.10 40.47 10.76
N SER A 511 -0.97 40.62 11.46
CA SER A 511 -0.48 41.93 11.84
C SER A 511 0.16 42.63 10.64
N SER A 512 0.33 43.94 10.78
CA SER A 512 0.93 44.73 9.71
C SER A 512 2.35 44.29 9.45
N TYR A 513 2.71 44.19 8.16
CA TYR A 513 4.04 43.79 7.73
C TYR A 513 4.45 42.47 8.38
N ASN A 514 3.52 41.53 8.37
CA ASN A 514 3.77 40.17 8.87
C ASN A 514 3.09 39.19 7.93
N ALA A 515 3.55 37.94 7.98
CA ALA A 515 3.08 36.91 7.07
C ALA A 515 2.61 35.70 7.87
N SER A 516 1.55 35.07 7.38
CA SER A 516 0.99 33.88 8.02
C SER A 516 1.61 32.63 7.42
N THR A 517 1.36 31.50 8.09
CA THR A 517 1.90 30.23 7.64
C THR A 517 1.11 29.72 6.44
N TYR A 518 1.73 28.78 5.71
CA TYR A 518 1.09 28.19 4.55
C TYR A 518 -0.06 27.27 4.97
N GLN A 519 -1.12 27.29 4.17
CA GLN A 519 -2.21 26.34 4.30
C GLN A 519 -2.45 25.71 2.94
N PHE A 520 -2.63 24.39 2.92
CA PHE A 520 -2.61 23.61 1.69
C PHE A 520 -4.03 23.39 1.18
N PHE A 521 -4.22 23.59 -0.12
CA PHE A 521 -5.50 23.43 -0.77
C PHE A 521 -5.36 22.53 -1.99
N PRO A 522 -6.42 21.85 -2.40
CA PRO A 522 -6.35 20.99 -3.59
C PRO A 522 -6.34 21.82 -4.86
N SER A 523 -6.20 21.13 -5.99
CA SER A 523 -6.14 21.80 -7.28
C SER A 523 -7.47 22.49 -7.58
N GLY A 524 -7.46 23.25 -8.68
CA GLY A 524 -8.64 23.97 -9.11
C GLY A 524 -8.60 25.43 -8.69
N ILE A 525 -9.58 26.17 -9.19
CA ILE A 525 -9.69 27.60 -8.89
C ILE A 525 -10.38 27.78 -7.55
N LYS A 526 -9.93 28.76 -6.78
CA LYS A 526 -10.48 29.04 -5.46
C LYS A 526 -10.75 30.52 -5.31
N GLY A 527 -11.73 30.85 -4.47
CA GLY A 527 -12.09 32.22 -4.18
C GLY A 527 -11.92 32.52 -2.70
N PHE A 528 -11.72 33.81 -2.39
CA PHE A 528 -11.50 34.21 -1.00
C PHE A 528 -12.03 35.61 -0.78
N THR A 529 -12.21 35.95 0.49
CA THR A 529 -12.74 37.24 0.91
C THR A 529 -11.76 37.89 1.88
N ILE A 530 -11.66 39.22 1.79
CA ILE A 530 -10.77 40.01 2.63
C ILE A 530 -11.62 40.79 3.63
N SER A 531 -11.29 40.67 4.91
CA SER A 531 -12.05 41.33 5.97
C SER A 531 -11.08 42.08 6.88
N SER A 532 -11.45 43.29 7.26
CA SER A 532 -10.65 44.11 8.16
C SER A 532 -11.44 45.34 8.53
N THR A 533 -11.17 45.84 9.74
CA THR A 533 -11.83 47.06 10.21
C THR A 533 -11.41 48.29 9.42
N GLU A 534 -10.14 48.36 9.02
CA GLU A 534 -9.66 49.51 8.26
C GLU A 534 -10.36 49.64 6.91
N ILE A 535 -10.69 48.52 6.28
CA ILE A 535 -11.36 48.57 4.97
C ILE A 535 -12.79 49.05 5.16
N PRO A 536 -13.23 50.11 4.47
CA PRO A 536 -14.63 50.50 4.55
C PRO A 536 -15.53 49.38 4.05
N PRO A 537 -16.73 49.22 4.63
CA PRO A 537 -17.59 48.09 4.22
C PRO A 537 -17.93 48.08 2.74
N GLN A 538 -18.03 49.25 2.10
CA GLN A 538 -18.48 49.32 0.72
C GLN A 538 -17.45 48.78 -0.28
N CYS A 539 -16.23 48.49 0.16
CA CYS A 539 -15.22 48.00 -0.76
C CYS A 539 -15.54 46.58 -1.22
N GLN A 540 -14.89 46.18 -2.31
CA GLN A 540 -15.08 44.84 -2.85
C GLN A 540 -14.51 43.82 -1.88
N PRO A 541 -15.32 42.87 -1.38
CA PRO A 541 -14.80 41.94 -0.37
C PRO A 541 -14.13 40.70 -0.95
N ASN A 542 -14.52 40.30 -2.15
CA ASN A 542 -14.18 39.00 -2.69
C ASN A 542 -13.11 39.10 -3.76
N PHE A 543 -12.31 38.04 -3.87
CA PHE A 543 -11.29 37.91 -4.89
C PHE A 543 -11.16 36.43 -5.26
N ASN A 544 -10.56 36.17 -6.41
CA ASN A 544 -10.43 34.82 -6.94
C ASN A 544 -9.00 34.56 -7.37
N THR A 545 -8.54 33.32 -7.17
CA THR A 545 -7.21 32.92 -7.57
C THR A 545 -7.24 32.23 -8.93
N PHE A 546 -6.08 32.17 -9.57
CA PHE A 546 -5.98 31.48 -10.85
C PHE A 546 -5.87 29.97 -10.62
N TYR A 547 -5.87 29.23 -11.72
CA TYR A 547 -5.78 27.78 -11.62
C TYR A 547 -4.48 27.38 -10.93
N LEU A 548 -4.60 26.69 -9.80
CA LEU A 548 -3.45 26.41 -8.96
C LEU A 548 -2.62 25.22 -9.42
N GLU A 549 -3.16 24.38 -10.31
CA GLU A 549 -2.42 23.20 -10.79
C GLU A 549 -2.06 22.36 -9.57
N PHE A 550 -0.86 21.77 -9.52
CA PHE A 550 -0.46 20.89 -8.43
C PHE A 550 0.96 21.20 -7.99
N GLY A 551 1.22 20.98 -6.71
CA GLY A 551 2.58 21.02 -6.18
C GLY A 551 3.18 22.41 -6.06
N SER A 552 2.41 23.44 -6.41
CA SER A 552 2.94 24.79 -6.40
C SER A 552 2.66 25.48 -5.06
N ALA A 553 3.39 26.57 -4.82
CA ALA A 553 3.19 27.40 -3.65
C ALA A 553 3.37 28.85 -4.06
N TYR A 554 2.52 29.72 -3.52
CA TYR A 554 2.49 31.12 -3.93
C TYR A 554 2.32 32.01 -2.72
N THR A 555 2.83 33.24 -2.83
CA THR A 555 2.71 34.24 -1.78
C THR A 555 1.88 35.41 -2.30
N TYR A 556 0.86 35.78 -1.54
CA TYR A 556 -0.02 36.89 -1.89
C TYR A 556 0.29 38.10 -1.04
N ILE A 557 0.23 39.28 -1.64
CA ILE A 557 0.44 40.54 -0.96
C ILE A 557 -0.82 41.39 -1.11
N VAL A 558 -1.37 41.84 0.01
CA VAL A 558 -2.55 42.70 0.03
C VAL A 558 -2.09 44.14 0.21
N GLN A 559 -2.50 45.01 -0.70
CA GLN A 559 -2.06 46.40 -0.72
C GLN A 559 -3.27 47.31 -0.82
N ARG A 560 -3.11 48.53 -0.32
CA ARG A 560 -4.20 49.49 -0.22
C ARG A 560 -4.29 50.33 -1.49
N LYS A 561 -5.50 50.45 -2.02
CA LYS A 561 -5.75 51.32 -3.16
C LYS A 561 -5.94 52.76 -2.70
N ASN A 562 -6.17 53.65 -3.67
CA ASN A 562 -6.39 55.05 -3.34
C ASN A 562 -7.61 55.23 -2.46
N ASP A 563 -8.68 54.51 -2.76
CA ASP A 563 -9.93 54.60 -2.01
C ASP A 563 -9.99 53.61 -0.85
N SER A 564 -8.84 53.20 -0.32
CA SER A 564 -8.73 52.27 0.80
C SER A 564 -9.14 50.85 0.44
N CYS A 565 -9.48 50.60 -0.83
CA CYS A 565 -9.83 49.25 -1.25
C CYS A 565 -8.58 48.37 -1.27
N PRO A 566 -8.73 47.08 -0.97
CA PRO A 566 -7.58 46.16 -1.06
C PRO A 566 -7.32 45.70 -2.48
N GLU A 567 -6.05 45.45 -2.76
CA GLU A 567 -5.61 44.92 -4.04
C GLU A 567 -4.68 43.75 -3.81
N VAL A 568 -4.71 42.78 -4.73
CA VAL A 568 -4.04 41.50 -4.58
C VAL A 568 -2.98 41.37 -5.66
N LYS A 569 -1.80 40.92 -5.25
CA LYS A 569 -0.71 40.60 -6.17
C LYS A 569 -0.12 39.26 -5.76
N VAL A 570 0.46 38.56 -6.73
CA VAL A 570 0.93 37.18 -6.54
C VAL A 570 2.39 37.08 -6.94
N PHE A 571 3.14 36.30 -6.16
CA PHE A 571 4.53 35.97 -6.48
C PHE A 571 4.74 34.48 -6.23
N GLU A 572 5.64 33.87 -6.99
CA GLU A 572 5.86 32.44 -6.90
C GLU A 572 6.95 32.12 -5.90
N ASP A 573 6.82 30.97 -5.23
CA ASP A 573 7.82 30.45 -4.32
C ASP A 573 8.39 29.12 -4.76
N ILE A 574 7.55 28.18 -5.17
CA ILE A 574 7.98 26.91 -5.72
C ILE A 574 7.23 26.69 -7.03
N SER A 575 7.98 26.38 -8.09
CA SER A 575 7.37 26.23 -9.40
C SER A 575 6.46 25.01 -9.44
N ALA A 576 5.40 25.11 -10.23
CA ALA A 576 4.46 24.00 -10.38
C ALA A 576 5.17 22.80 -10.99
N ASN A 577 4.60 21.62 -10.76
CA ASN A 577 5.22 20.40 -11.24
C ASN A 577 5.05 20.28 -12.76
N THR A 578 5.94 19.48 -13.37
CA THR A 578 6.10 19.48 -14.83
C THR A 578 5.69 18.16 -15.45
N VAL A 579 6.28 17.03 -15.01
CA VAL A 579 6.13 15.79 -15.76
C VAL A 579 4.72 15.25 -15.65
N ASN A 580 4.20 14.73 -16.76
CA ASN A 580 2.86 14.20 -16.81
C ASN A 580 2.76 12.93 -15.97
N MET A 581 1.61 12.70 -15.35
CA MET A 581 1.45 11.56 -14.46
C MET A 581 1.19 10.25 -15.22
N ALA A 582 0.91 10.32 -16.52
CA ALA A 582 0.66 9.10 -17.27
C ALA A 582 1.91 8.22 -17.37
N LEU A 583 3.08 8.76 -17.06
CA LEU A 583 4.32 8.02 -17.24
C LEU A 583 4.47 6.87 -16.25
N GLN A 584 3.61 6.76 -15.25
CA GLN A 584 3.69 5.64 -14.31
C GLN A 584 3.06 4.37 -14.86
N ILE A 585 2.32 4.46 -15.96
CA ILE A 585 1.60 3.29 -16.46
C ILE A 585 2.54 2.14 -16.81
N PRO A 586 3.67 2.36 -17.51
CA PRO A 586 4.50 1.21 -17.90
C PRO A 586 4.98 0.36 -16.74
N GLN A 587 5.50 0.99 -15.67
CA GLN A 587 6.01 0.22 -14.54
C GLN A 587 4.89 -0.54 -13.86
N TYR A 588 3.72 0.09 -13.68
CA TYR A 588 2.59 -0.61 -13.10
C TYR A 588 2.15 -1.79 -13.95
N PHE A 589 2.15 -1.63 -15.28
CA PHE A 589 1.79 -2.71 -16.17
C PHE A 589 2.76 -3.88 -16.03
N LEU A 590 4.05 -3.59 -16.01
CA LEU A 590 5.03 -4.65 -15.84
C LEU A 590 4.85 -5.36 -14.50
N LEU A 591 4.63 -4.59 -13.44
CA LEU A 591 4.46 -5.18 -12.12
C LEU A 591 3.22 -6.07 -12.07
N THR A 592 2.12 -5.61 -12.67
CA THR A 592 0.90 -6.41 -12.67
C THR A 592 1.09 -7.71 -13.47
N CYS A 593 1.76 -7.63 -14.62
CA CYS A 593 2.03 -8.85 -15.37
C CYS A 593 2.87 -9.82 -14.56
N GLY A 594 3.92 -9.31 -13.91
CA GLY A 594 4.74 -10.17 -13.08
C GLY A 594 3.97 -10.79 -11.93
N GLU A 595 3.06 -10.03 -11.33
CA GLU A 595 2.25 -10.55 -10.23
C GLU A 595 1.33 -11.66 -10.71
N VAL A 596 0.64 -11.44 -11.83
CA VAL A 596 -0.31 -12.44 -12.32
C VAL A 596 0.43 -13.71 -12.72
N VAL A 597 1.33 -13.60 -13.71
CA VAL A 597 1.98 -14.78 -14.25
C VAL A 597 2.74 -15.54 -13.18
N PHE A 598 3.02 -14.91 -12.04
CA PHE A 598 3.66 -15.61 -10.94
C PHE A 598 2.63 -16.28 -10.03
N SER A 599 1.69 -15.50 -9.49
CA SER A 599 0.79 -16.01 -8.46
C SER A 599 -0.12 -17.10 -9.00
N VAL A 600 -0.72 -16.90 -10.17
CA VAL A 600 -1.67 -17.89 -10.67
C VAL A 600 -0.97 -19.23 -10.85
N THR A 601 0.17 -19.22 -11.52
CA THR A 601 0.92 -20.45 -11.74
C THR A 601 1.42 -21.05 -10.44
N GLY A 602 1.83 -20.20 -9.49
CA GLY A 602 2.31 -20.70 -8.23
C GLY A 602 1.25 -21.49 -7.49
N LEU A 603 0.04 -20.94 -7.37
CA LEU A 603 -1.00 -21.66 -6.65
C LEU A 603 -1.48 -22.88 -7.43
N GLU A 604 -1.54 -22.79 -8.77
CA GLU A 604 -1.91 -23.95 -9.56
C GLU A 604 -0.91 -25.09 -9.37
N PHE A 605 0.38 -24.78 -9.43
CA PHE A 605 1.41 -25.78 -9.21
C PHE A 605 1.33 -26.35 -7.79
N SER A 606 1.14 -25.46 -6.81
CA SER A 606 0.99 -25.90 -5.43
C SER A 606 -0.10 -26.96 -5.29
N TYR A 607 -1.28 -26.69 -5.85
CA TYR A 607 -2.33 -27.70 -5.81
C TYR A 607 -1.95 -28.94 -6.61
N SER A 608 -1.29 -28.74 -7.75
CA SER A 608 -1.04 -29.87 -8.65
C SER A 608 -0.15 -30.91 -8.01
N GLN A 609 0.91 -30.50 -7.34
CA GLN A 609 1.88 -31.46 -6.83
C GLN A 609 1.56 -31.98 -5.43
N ALA A 610 0.52 -31.47 -4.78
CA ALA A 610 0.18 -31.96 -3.45
C ALA A 610 -0.39 -33.38 -3.55
N PRO A 611 -0.13 -34.23 -2.56
CA PRO A 611 -0.76 -35.55 -2.56
C PRO A 611 -2.23 -35.48 -2.21
N SER A 612 -2.93 -36.61 -2.43
CA SER A 612 -4.37 -36.62 -2.26
C SER A 612 -4.80 -36.29 -0.84
N ASN A 613 -4.08 -36.80 0.16
CA ASN A 613 -4.51 -36.66 1.54
C ASN A 613 -4.21 -35.30 2.15
N MET A 614 -3.39 -34.46 1.48
CA MET A 614 -2.92 -33.23 2.09
C MET A 614 -2.96 -32.06 1.11
N LYS A 615 -4.05 -31.89 0.36
CA LYS A 615 -4.15 -30.79 -0.58
C LYS A 615 -4.16 -29.44 0.13
N SER A 616 -4.84 -29.36 1.29
CA SER A 616 -5.02 -28.08 1.95
C SER A 616 -3.73 -27.60 2.63
N VAL A 617 -2.95 -28.53 3.19
CA VAL A 617 -1.77 -28.15 3.96
C VAL A 617 -0.80 -27.36 3.08
N LEU A 618 -0.61 -27.81 1.85
CA LEU A 618 0.37 -27.16 0.99
C LEU A 618 -0.10 -25.78 0.56
N GLN A 619 -1.41 -25.62 0.35
CA GLN A 619 -1.96 -24.30 0.09
C GLN A 619 -1.76 -23.38 1.29
N ALA A 620 -1.97 -23.90 2.49
CA ALA A 620 -1.68 -23.11 3.69
C ALA A 620 -0.22 -22.72 3.75
N GLY A 621 0.68 -23.61 3.32
CA GLY A 621 2.08 -23.24 3.24
C GLY A 621 2.32 -22.11 2.24
N TRP A 622 1.64 -22.17 1.10
CA TRP A 622 1.76 -21.08 0.13
C TRP A 622 1.34 -19.76 0.74
N LEU A 623 0.23 -19.74 1.47
CA LEU A 623 -0.20 -18.50 2.12
C LEU A 623 0.80 -18.06 3.19
N LEU A 624 1.32 -19.02 3.96
CA LEU A 624 2.36 -18.70 4.93
C LEU A 624 3.56 -18.07 4.24
N THR A 625 3.80 -18.40 2.97
CA THR A 625 4.88 -17.75 2.25
C THR A 625 4.67 -16.24 2.16
N VAL A 626 3.46 -15.79 1.87
CA VAL A 626 3.18 -14.36 1.86
C VAL A 626 3.23 -13.80 3.27
N ALA A 627 2.76 -14.58 4.25
CA ALA A 627 2.78 -14.10 5.62
C ALA A 627 4.19 -13.78 6.09
N VAL A 628 5.15 -14.66 5.78
CA VAL A 628 6.53 -14.44 6.20
C VAL A 628 7.10 -13.22 5.51
N GLY A 629 6.78 -13.01 4.23
CA GLY A 629 7.23 -11.80 3.56
C GLY A 629 6.68 -10.54 4.20
N ASN A 630 5.41 -10.59 4.62
CA ASN A 630 4.83 -9.47 5.34
C ASN A 630 5.58 -9.21 6.63
N ILE A 631 5.93 -10.27 7.35
CA ILE A 631 6.70 -10.13 8.58
C ILE A 631 8.05 -9.48 8.29
N ILE A 632 8.70 -9.90 7.20
CA ILE A 632 10.02 -9.37 6.86
C ILE A 632 9.92 -7.87 6.54
N VAL A 633 8.93 -7.48 5.75
CA VAL A 633 8.79 -6.07 5.41
C VAL A 633 8.49 -5.25 6.67
N LEU A 634 7.66 -5.79 7.56
CA LEU A 634 7.39 -5.09 8.81
C LEU A 634 8.66 -4.93 9.63
N ILE A 635 9.49 -5.98 9.67
CA ILE A 635 10.73 -5.91 10.45
C ILE A 635 11.66 -4.84 9.87
N VAL A 636 11.86 -4.83 8.55
CA VAL A 636 12.75 -3.83 7.98
C VAL A 636 12.20 -2.43 8.21
N ALA A 637 10.88 -2.27 8.13
CA ALA A 637 10.24 -1.01 8.51
C ALA A 637 10.77 0.17 7.71
N GLY A 638 11.13 1.26 8.40
CA GLY A 638 11.41 2.50 7.71
C GLY A 638 12.62 2.40 6.78
N ALA A 639 12.60 3.22 5.73
CA ALA A 639 13.67 3.25 4.76
C ALA A 639 14.75 4.27 5.17
N GLY A 640 15.97 4.01 4.74
CA GLY A 640 17.09 4.88 5.05
C GLY A 640 18.08 5.03 3.92
N GLN A 641 17.67 4.71 2.69
CA GLN A 641 18.56 4.80 1.56
C GLN A 641 18.98 6.24 1.31
N PHE A 642 20.23 6.42 0.89
CA PHE A 642 20.78 7.77 0.79
C PHE A 642 20.15 8.57 -0.34
N SER A 643 19.87 7.94 -1.48
CA SER A 643 19.29 8.65 -2.62
C SER A 643 18.22 7.79 -3.26
N LYS A 644 17.14 8.43 -3.71
CA LYS A 644 16.02 7.69 -4.28
C LYS A 644 16.41 6.94 -5.53
N GLN A 645 17.19 7.56 -6.42
CA GLN A 645 17.60 6.89 -7.65
C GLN A 645 18.31 5.58 -7.35
N TRP A 646 19.20 5.59 -6.36
CA TRP A 646 19.90 4.37 -5.98
C TRP A 646 18.98 3.42 -5.23
N ALA A 647 18.04 3.97 -4.45
CA ALA A 647 17.11 3.13 -3.71
C ALA A 647 16.25 2.30 -4.66
N GLU A 648 15.63 2.96 -5.64
CA GLU A 648 14.82 2.23 -6.62
C GLU A 648 15.68 1.24 -7.39
N TYR A 649 16.97 1.53 -7.56
CA TYR A 649 17.81 0.71 -8.43
C TYR A 649 18.23 -0.57 -7.74
N ILE A 650 18.93 -0.45 -6.60
CA ILE A 650 19.43 -1.65 -5.95
C ILE A 650 18.29 -2.56 -5.54
N LEU A 651 17.18 -1.98 -5.08
CA LEU A 651 16.06 -2.73 -4.49
C LEU A 651 15.52 -3.78 -5.45
N PHE A 652 15.93 -3.73 -6.71
CA PHE A 652 15.78 -4.89 -7.58
C PHE A 652 17.12 -5.46 -8.00
N ALA A 653 18.02 -4.62 -8.50
CA ALA A 653 19.20 -5.12 -9.19
C ALA A 653 20.09 -5.99 -8.32
N ALA A 654 20.02 -5.84 -7.00
CA ALA A 654 20.91 -6.55 -6.10
C ALA A 654 20.21 -7.57 -5.23
N LEU A 655 18.87 -7.57 -5.22
CA LEU A 655 18.14 -8.50 -4.36
C LEU A 655 17.23 -9.41 -5.19
N LEU A 656 16.45 -8.81 -6.10
CA LEU A 656 15.42 -9.57 -6.78
C LEU A 656 16.01 -10.55 -7.79
N LEU A 657 17.01 -10.11 -8.56
CA LEU A 657 17.66 -11.02 -9.50
C LEU A 657 18.43 -12.11 -8.77
N VAL A 658 19.03 -11.79 -7.62
CA VAL A 658 19.71 -12.81 -6.82
C VAL A 658 18.70 -13.85 -6.34
N VAL A 659 17.54 -13.40 -5.86
CA VAL A 659 16.50 -14.33 -5.45
C VAL A 659 16.06 -15.18 -6.62
N CYS A 660 15.92 -14.58 -7.80
CA CYS A 660 15.48 -15.31 -8.99
C CYS A 660 16.48 -16.39 -9.36
N VAL A 661 17.78 -16.05 -9.36
CA VAL A 661 18.77 -17.05 -9.74
C VAL A 661 18.84 -18.16 -8.70
N ILE A 662 18.69 -17.82 -7.42
CA ILE A 662 18.67 -18.85 -6.38
C ILE A 662 17.50 -19.79 -6.59
N PHE A 663 16.32 -19.22 -6.84
CA PHE A 663 15.13 -20.04 -7.02
C PHE A 663 15.26 -20.92 -8.26
N ALA A 664 15.81 -20.38 -9.34
CA ALA A 664 15.99 -21.18 -10.55
C ALA A 664 16.97 -22.32 -10.29
N ILE A 665 18.05 -22.06 -9.57
CA ILE A 665 19.01 -23.11 -9.26
C ILE A 665 18.33 -24.21 -8.45
N MET A 666 17.52 -23.83 -7.45
CA MET A 666 16.81 -24.84 -6.67
C MET A 666 15.83 -25.63 -7.54
N ALA A 667 15.07 -24.93 -8.40
CA ALA A 667 14.07 -25.61 -9.21
C ALA A 667 14.69 -26.48 -10.29
N ARG A 668 15.96 -26.26 -10.61
CA ARG A 668 16.61 -27.07 -11.64
C ARG A 668 16.58 -28.56 -11.30
N PHE A 669 16.40 -28.92 -10.04
CA PHE A 669 16.45 -30.31 -9.60
C PHE A 669 15.09 -31.00 -9.66
N TYR A 670 14.42 -30.93 -10.82
CA TYR A 670 13.27 -31.77 -11.15
C TYR A 670 12.26 -31.90 -10.01
N THR A 671 11.87 -30.79 -9.39
CA THR A 671 10.77 -30.84 -8.45
C THR A 671 9.44 -31.17 -9.13
N TYR A 672 9.39 -31.05 -10.46
CA TYR A 672 8.19 -31.33 -11.25
C TYR A 672 8.05 -32.78 -11.65
N ILE A 673 8.97 -33.65 -11.20
CA ILE A 673 9.00 -35.04 -11.66
C ILE A 673 7.79 -35.83 -11.20
N ASN A 674 7.04 -35.32 -10.22
CA ASN A 674 6.03 -36.14 -9.54
C ASN A 674 4.65 -35.92 -10.14
N PRO A 675 4.06 -36.91 -10.81
CA PRO A 675 2.61 -36.90 -11.08
C PRO A 675 1.84 -37.46 -9.89
N ALA A 676 1.57 -36.58 -8.92
CA ALA A 676 1.07 -37.04 -7.62
C ALA A 676 -0.22 -37.84 -7.72
N GLU A 677 -1.01 -37.64 -8.77
CA GLU A 677 -2.29 -38.34 -8.86
C GLU A 677 -2.09 -39.85 -9.01
N ILE A 678 -1.10 -40.29 -9.79
CA ILE A 678 -0.94 -41.69 -10.13
C ILE A 678 0.21 -42.36 -9.38
N GLU A 679 1.13 -41.59 -8.79
CA GLU A 679 2.28 -42.20 -8.12
C GLU A 679 1.83 -43.13 -7.01
N ALA A 680 0.75 -42.80 -6.31
CA ALA A 680 0.31 -43.59 -5.17
C ALA A 680 -0.32 -44.92 -5.57
N GLN A 681 -0.63 -45.11 -6.86
CA GLN A 681 -1.27 -46.34 -7.29
C GLN A 681 -0.41 -47.58 -7.05
N PHE A 682 0.91 -47.43 -6.97
CA PHE A 682 1.78 -48.57 -6.72
C PHE A 682 1.63 -49.13 -5.32
N ASP A 683 0.94 -48.43 -4.43
CA ASP A 683 0.74 -48.90 -3.06
C ASP A 683 2.08 -49.07 -2.36
#